data_5W8Q
#
_entry.id   5W8Q
#
_cell.length_a   55.270
_cell.length_b   113.020
_cell.length_c   62.770
_cell.angle_alpha   90.000
_cell.angle_beta   93.150
_cell.angle_gamma   90.000
#
_symmetry.space_group_name_H-M   'P 1 21 1'
#
loop_
_entity.id
_entity.type
_entity.pdbx_description
1 polymer 'BIS3 biphenyl synthase'
2 non-polymer (3R)-butane-1,3-diol
3 water water
#
_entity_poly.entity_id   1
_entity_poly.type   'polypeptide(L)'
_entity_poly.pdbx_seq_one_letter_code
;GSMAPLVKNEPQHAKILAIGTANPPNVYHQKDYPDFLFRVTKNEHRTDLREKFDRICEKSRTKKRYLHLTEEMLKANPNI
YTYGAPSLDVRQDICNIEVPKLGQEAALKAIKEWGQPISRITHLIFCTASCVDMPGCDFQLIKLLGLDPSVTRTMIYEAG
(CSD)YAGATVLRMAKDFAENNKGARVLVVCAEITTVFFHGLTDTHLDILVGQALFADGASAVIVGANPEPEIERPLFEI
VACRQTILPNSEHGVVANIREMGFNYYLSGDVPKFVGGNVVDFMTKTFEKVDGKKKDWNSLFFSVHPGGPAIVDQVEEKL
GLKEGKLRATRHVLSEYGNMGAPTVHFILDEMRNKSIEEGKTTTGEGLEWGVVIGIGPGLTVETAVLRSESIRC
;
_entity_poly.pdbx_strand_id   A,B
#
loop_
_chem_comp.id
_chem_comp.type
_chem_comp.name
_chem_comp.formula
BU4 non-polymer (3R)-butane-1,3-diol 'C4 H10 O2'
#
# COMPACT_ATOMS: atom_id res chain seq x y z
N GLN A 12 -22.40 4.93 15.51
CA GLN A 12 -22.78 4.22 14.28
C GLN A 12 -21.52 3.66 13.62
N HIS A 13 -21.11 2.50 14.08
CA HIS A 13 -19.89 1.90 13.61
C HIS A 13 -20.06 1.26 12.25
N ALA A 14 -18.95 1.20 11.54
CA ALA A 14 -18.86 0.45 10.32
C ALA A 14 -19.23 -1.02 10.54
N LYS A 15 -20.00 -1.55 9.59
CA LYS A 15 -20.42 -2.94 9.58
C LYS A 15 -19.89 -3.66 8.37
N ILE A 16 -19.59 -4.94 8.57
CA ILE A 16 -19.40 -5.88 7.46
C ILE A 16 -20.79 -6.26 6.95
N LEU A 17 -21.07 -5.97 5.69
CA LEU A 17 -22.37 -6.18 5.07
C LEU A 17 -22.40 -7.41 4.17
N ALA A 18 -21.27 -7.99 3.84
CA ALA A 18 -21.20 -9.15 2.96
C ALA A 18 -19.77 -9.68 3.00
N ILE A 19 -19.63 -10.98 2.78
CA ILE A 19 -18.32 -11.62 2.59
C ILE A 19 -18.46 -12.62 1.45
N GLY A 20 -17.57 -12.58 0.48
CA GLY A 20 -17.47 -13.56 -0.57
C GLY A 20 -16.06 -14.09 -0.66
N THR A 21 -15.88 -15.30 -1.15
CA THR A 21 -14.57 -15.89 -1.29
C THR A 21 -14.42 -16.65 -2.59
N ALA A 22 -13.19 -16.88 -2.98
CA ALA A 22 -12.87 -17.63 -4.19
C ALA A 22 -11.52 -18.28 -4.06
N ASN A 23 -11.30 -19.34 -4.84
CA ASN A 23 -10.00 -20.00 -4.91
C ASN A 23 -9.74 -20.49 -6.31
N PRO A 24 -8.47 -20.72 -6.68
CA PRO A 24 -8.21 -21.36 -7.97
C PRO A 24 -8.87 -22.74 -8.01
N PRO A 25 -9.10 -23.26 -9.21
CA PRO A 25 -9.86 -24.50 -9.33
C PRO A 25 -9.13 -25.77 -8.93
N ASN A 26 -7.81 -25.78 -9.02
CA ASN A 26 -7.09 -27.04 -8.82
C ASN A 26 -6.76 -27.29 -7.37
N VAL A 27 -7.22 -28.44 -6.90
CA VAL A 27 -7.05 -28.82 -5.51
CA VAL A 27 -7.04 -28.84 -5.51
C VAL A 27 -5.85 -29.77 -5.36
N TYR A 28 -5.08 -29.53 -4.32
CA TYR A 28 -3.90 -30.32 -3.97
C TYR A 28 -4.11 -30.89 -2.59
N HIS A 29 -4.40 -32.17 -2.51
CA HIS A 29 -4.56 -32.83 -1.21
C HIS A 29 -3.20 -33.01 -0.58
N GLN A 30 -3.10 -32.73 0.70
CA GLN A 30 -1.81 -32.77 1.39
C GLN A 30 -1.18 -34.15 1.35
N LYS A 31 -2.00 -35.19 1.38
CA LYS A 31 -1.46 -36.55 1.34
C LYS A 31 -0.64 -36.78 0.06
N ASP A 32 -0.99 -36.07 -1.01
CA ASP A 32 -0.36 -36.28 -2.32
C ASP A 32 0.73 -35.25 -2.60
N TYR A 33 0.82 -34.20 -1.78
CA TYR A 33 1.65 -33.06 -2.13
C TYR A 33 3.15 -33.36 -2.06
N PRO A 34 3.65 -34.09 -1.05
CA PRO A 34 5.09 -34.42 -1.08
C PRO A 34 5.50 -35.14 -2.37
N ASP A 35 4.75 -36.13 -2.81
CA ASP A 35 5.09 -36.82 -4.03
C ASP A 35 5.11 -35.84 -5.19
N PHE A 36 4.08 -34.99 -5.27
CA PHE A 36 3.97 -34.02 -6.34
C PHE A 36 5.17 -33.07 -6.36
N LEU A 37 5.45 -32.46 -5.22
CA LEU A 37 6.48 -31.44 -5.14
C LEU A 37 7.85 -32.01 -5.52
N PHE A 38 8.18 -33.16 -4.96
CA PHE A 38 9.50 -33.72 -5.20
C PHE A 38 9.63 -34.22 -6.64
N ARG A 39 8.53 -34.67 -7.24
CA ARG A 39 8.55 -35.14 -8.62
C ARG A 39 8.71 -33.99 -9.59
N VAL A 40 7.86 -32.96 -9.46
CA VAL A 40 7.84 -31.88 -10.44
C VAL A 40 9.05 -30.96 -10.33
N THR A 41 9.74 -30.96 -9.19
CA THR A 41 10.93 -30.13 -9.03
C THR A 41 12.22 -30.95 -9.20
N LYS A 42 12.09 -32.21 -9.62
CA LYS A 42 13.25 -33.07 -9.93
C LYS A 42 14.15 -33.26 -8.73
N ASN A 43 13.52 -33.49 -7.57
CA ASN A 43 14.25 -33.65 -6.31
C ASN A 43 14.00 -34.99 -5.62
N GLU A 44 13.63 -36.02 -6.37
CA GLU A 44 13.36 -37.30 -5.75
C GLU A 44 14.60 -37.89 -5.07
N HIS A 45 15.79 -37.47 -5.50
CA HIS A 45 17.01 -37.95 -4.85
C HIS A 45 17.20 -37.35 -3.44
N ARG A 46 16.50 -36.26 -3.14
CA ARG A 46 16.66 -35.61 -1.84
C ARG A 46 15.78 -36.24 -0.78
N THR A 47 16.09 -37.50 -0.48
CA THR A 47 15.35 -38.25 0.51
C THR A 47 15.48 -37.62 1.90
N ASP A 48 16.57 -36.90 2.13
CA ASP A 48 16.75 -36.15 3.36
C ASP A 48 15.69 -35.06 3.50
N LEU A 49 15.50 -34.30 2.44
CA LEU A 49 14.50 -33.23 2.45
C LEU A 49 13.09 -33.80 2.44
N ARG A 50 12.88 -34.95 1.79
CA ARG A 50 11.57 -35.56 1.76
C ARG A 50 11.14 -35.97 3.16
N GLU A 51 12.06 -36.52 3.96
CA GLU A 51 11.74 -36.89 5.32
CA GLU A 51 11.75 -36.90 5.34
C GLU A 51 11.30 -35.66 6.10
N LYS A 52 12.05 -34.58 5.97
CA LYS A 52 11.73 -33.34 6.69
C LYS A 52 10.37 -32.83 6.25
N PHE A 53 10.13 -32.87 4.94
CA PHE A 53 8.87 -32.35 4.40
C PHE A 53 7.67 -33.17 4.86
N ASP A 54 7.84 -34.49 4.87
CA ASP A 54 6.78 -35.37 5.36
C ASP A 54 6.40 -35.02 6.80
N ARG A 55 7.39 -34.79 7.66
CA ARG A 55 7.13 -34.47 9.06
C ARG A 55 6.35 -33.14 9.16
N ILE A 56 6.75 -32.16 8.35
CA ILE A 56 6.05 -30.87 8.35
C ILE A 56 4.62 -31.03 7.88
N CYS A 57 4.43 -31.75 6.77
CA CYS A 57 3.07 -31.97 6.31
C CYS A 57 2.20 -32.72 7.32
N GLU A 58 2.77 -33.72 7.98
CA GLU A 58 2.01 -34.44 9.02
C GLU A 58 1.52 -33.54 10.12
N LYS A 59 2.32 -32.55 10.49
CA LYS A 59 1.96 -31.66 11.57
C LYS A 59 1.18 -30.42 11.10
N SER A 60 1.00 -30.27 9.78
CA SER A 60 0.49 -29.02 9.23
C SER A 60 -0.96 -28.72 9.57
N ARG A 61 -1.74 -29.76 9.84
CA ARG A 61 -3.18 -29.63 10.07
C ARG A 61 -3.87 -28.97 8.87
N THR A 62 -3.29 -29.18 7.70
CA THR A 62 -3.80 -28.72 6.41
C THR A 62 -4.08 -29.97 5.58
N LYS A 63 -5.33 -30.17 5.18
CA LYS A 63 -5.77 -31.33 4.42
C LYS A 63 -5.70 -31.11 2.93
N LYS A 64 -6.01 -29.90 2.48
CA LYS A 64 -5.95 -29.60 1.06
C LYS A 64 -5.80 -28.09 0.89
N ARG A 65 -5.32 -27.72 -0.29
CA ARG A 65 -5.10 -26.34 -0.70
C ARG A 65 -5.48 -26.20 -2.17
N TYR A 66 -5.90 -25.00 -2.54
CA TYR A 66 -6.12 -24.63 -3.92
C TYR A 66 -4.96 -23.80 -4.41
N LEU A 67 -4.43 -24.13 -5.57
CA LEU A 67 -3.24 -23.46 -6.12
C LEU A 67 -3.45 -23.18 -7.58
N HIS A 68 -3.09 -21.97 -8.01
CA HIS A 68 -3.06 -21.63 -9.41
C HIS A 68 -1.95 -22.36 -10.19
N LEU A 69 -0.76 -22.40 -9.60
CA LEU A 69 0.40 -22.96 -10.27
C LEU A 69 0.14 -24.41 -10.67
N THR A 70 0.55 -24.76 -11.88
CA THR A 70 0.42 -26.10 -12.38
C THR A 70 1.78 -26.68 -12.75
N GLU A 71 1.83 -28.00 -12.86
CA GLU A 71 3.01 -28.69 -13.35
C GLU A 71 3.40 -28.17 -14.73
N GLU A 72 2.43 -27.88 -15.60
CA GLU A 72 2.76 -27.40 -16.93
C GLU A 72 3.47 -26.05 -16.87
N MET A 73 3.06 -25.18 -15.95
CA MET A 73 3.75 -23.92 -15.79
C MET A 73 5.20 -24.13 -15.33
N LEU A 74 5.43 -25.09 -14.44
CA LEU A 74 6.79 -25.39 -14.00
C LEU A 74 7.63 -25.96 -15.13
N LYS A 75 7.04 -26.81 -15.97
CA LYS A 75 7.79 -27.38 -17.09
C LYS A 75 8.16 -26.28 -18.07
N ALA A 76 7.27 -25.31 -18.27
CA ALA A 76 7.56 -24.22 -19.21
C ALA A 76 8.56 -23.22 -18.65
N ASN A 77 8.66 -23.16 -17.32
CA ASN A 77 9.47 -22.17 -16.64
C ASN A 77 10.26 -22.82 -15.51
N PRO A 78 11.22 -23.69 -15.85
CA PRO A 78 11.92 -24.43 -14.81
C PRO A 78 12.76 -23.56 -13.86
N ASN A 79 13.06 -22.32 -14.24
CA ASN A 79 13.70 -21.44 -13.29
C ASN A 79 12.87 -21.23 -12.05
N ILE A 80 11.54 -21.39 -12.13
CA ILE A 80 10.72 -21.22 -10.95
C ILE A 80 11.10 -22.21 -9.84
N TYR A 81 11.53 -23.42 -10.21
CA TYR A 81 11.94 -24.40 -9.19
C TYR A 81 13.45 -24.58 -9.04
N THR A 82 14.21 -23.75 -9.76
CA THR A 82 15.65 -23.74 -9.67
C THR A 82 16.05 -22.65 -8.69
N TYR A 83 16.42 -23.06 -7.49
CA TYR A 83 16.56 -22.14 -6.38
C TYR A 83 17.53 -21.04 -6.72
N GLY A 84 17.07 -19.80 -6.60
CA GLY A 84 17.88 -18.63 -6.82
C GLY A 84 18.02 -18.15 -8.26
N ALA A 85 17.48 -18.90 -9.21
CA ALA A 85 17.55 -18.51 -10.61
C ALA A 85 16.60 -17.33 -10.90
N PRO A 86 16.92 -16.50 -11.91
CA PRO A 86 16.03 -15.37 -12.21
C PRO A 86 14.68 -15.87 -12.69
N SER A 87 13.61 -15.37 -12.09
CA SER A 87 12.28 -15.80 -12.42
C SER A 87 11.20 -14.82 -12.02
N LEU A 88 11.55 -13.65 -11.49
CA LEU A 88 10.53 -12.69 -11.11
C LEU A 88 9.62 -12.33 -12.28
N ASP A 89 10.19 -12.12 -13.45
CA ASP A 89 9.42 -11.61 -14.56
C ASP A 89 8.30 -12.58 -14.95
N VAL A 90 8.60 -13.87 -15.07
CA VAL A 90 7.56 -14.81 -15.41
C VAL A 90 6.53 -14.94 -14.28
N ARG A 91 6.95 -14.87 -13.04
CA ARG A 91 6.01 -14.90 -11.93
C ARG A 91 5.04 -13.71 -11.96
N GLN A 92 5.58 -12.52 -12.18
CA GLN A 92 4.78 -11.31 -12.25
C GLN A 92 3.83 -11.34 -13.43
N ASP A 93 4.28 -11.85 -14.57
CA ASP A 93 3.41 -11.94 -15.72
C ASP A 93 2.17 -12.77 -15.43
N ILE A 94 2.33 -13.80 -14.60
CA ILE A 94 1.20 -14.60 -14.15
C ILE A 94 0.39 -13.85 -13.09
N CYS A 95 1.05 -13.44 -12.01
CA CYS A 95 0.31 -12.94 -10.86
C CYS A 95 -0.37 -11.61 -11.09
N ASN A 96 0.23 -10.72 -11.86
CA ASN A 96 -0.40 -9.42 -12.12
C ASN A 96 -1.72 -9.57 -12.85
N ILE A 97 -1.92 -10.68 -13.55
CA ILE A 97 -3.19 -11.02 -14.17
C ILE A 97 -4.11 -11.81 -13.24
N GLU A 98 -3.56 -12.85 -12.63
CA GLU A 98 -4.40 -13.77 -11.88
C GLU A 98 -4.89 -13.22 -10.57
N VAL A 99 -4.14 -12.34 -9.93
CA VAL A 99 -4.59 -11.78 -8.65
C VAL A 99 -5.87 -10.95 -8.81
N PRO A 100 -5.91 -9.98 -9.76
CA PRO A 100 -7.19 -9.24 -9.92
C PRO A 100 -8.32 -10.14 -10.37
N LYS A 101 -8.04 -11.15 -11.18
CA LYS A 101 -9.08 -12.04 -11.67
CA LYS A 101 -9.10 -12.04 -11.66
C LYS A 101 -9.72 -12.83 -10.51
N LEU A 102 -8.89 -13.35 -9.61
CA LEU A 102 -9.41 -14.10 -8.47
C LEU A 102 -10.16 -13.16 -7.54
N GLY A 103 -9.63 -11.94 -7.36
CA GLY A 103 -10.33 -10.95 -6.59
C GLY A 103 -11.71 -10.61 -7.13
N GLN A 104 -11.80 -10.52 -8.46
CA GLN A 104 -13.07 -10.27 -9.14
C GLN A 104 -14.11 -11.32 -8.78
N GLU A 105 -13.69 -12.58 -8.81
CA GLU A 105 -14.61 -13.66 -8.49
C GLU A 105 -15.17 -13.51 -7.06
N ALA A 106 -14.28 -13.24 -6.11
CA ALA A 106 -14.74 -13.05 -4.74
C ALA A 106 -15.63 -11.81 -4.61
N ALA A 107 -15.24 -10.76 -5.29
CA ALA A 107 -15.98 -9.49 -5.20
C ALA A 107 -17.40 -9.65 -5.74
N LEU A 108 -17.57 -10.36 -6.85
CA LEU A 108 -18.92 -10.56 -7.38
C LEU A 108 -19.80 -11.29 -6.39
N LYS A 109 -19.24 -12.26 -5.68
CA LYS A 109 -20.00 -12.96 -4.65
C LYS A 109 -20.38 -12.04 -3.51
N ALA A 110 -19.43 -11.21 -3.04
CA ALA A 110 -19.77 -10.27 -1.98
C ALA A 110 -20.85 -9.28 -2.43
N ILE A 111 -20.70 -8.79 -3.64
CA ILE A 111 -21.64 -7.82 -4.17
C ILE A 111 -23.05 -8.43 -4.25
N LYS A 112 -23.13 -9.68 -4.67
CA LYS A 112 -24.43 -10.36 -4.73
C LYS A 112 -25.06 -10.40 -3.34
N GLU A 113 -24.31 -10.83 -2.33
CA GLU A 113 -24.85 -10.89 -0.99
C GLU A 113 -25.30 -9.52 -0.52
N TRP A 114 -24.47 -8.52 -0.76
CA TRP A 114 -24.70 -7.16 -0.31
C TRP A 114 -26.06 -6.66 -0.77
N GLY A 115 -26.34 -6.84 -2.06
CA GLY A 115 -27.66 -6.58 -2.59
C GLY A 115 -27.88 -5.23 -3.25
N GLN A 116 -26.86 -4.39 -3.25
CA GLN A 116 -26.92 -3.07 -3.85
C GLN A 116 -26.27 -3.05 -5.22
N PRO A 117 -26.61 -2.04 -6.04
CA PRO A 117 -25.89 -1.89 -7.30
C PRO A 117 -24.43 -1.54 -7.09
N ILE A 118 -23.58 -1.96 -8.02
CA ILE A 118 -22.16 -1.67 -7.97
C ILE A 118 -21.91 -0.16 -7.96
N SER A 119 -22.80 0.62 -8.55
CA SER A 119 -22.65 2.06 -8.51
C SER A 119 -22.67 2.67 -7.10
N ARG A 120 -23.13 1.94 -6.08
CA ARG A 120 -23.10 2.43 -4.71
C ARG A 120 -21.74 2.25 -4.05
N ILE A 121 -20.82 1.53 -4.67
CA ILE A 121 -19.47 1.39 -4.11
C ILE A 121 -18.73 2.71 -4.31
N THR A 122 -18.25 3.30 -3.22
CA THR A 122 -17.55 4.57 -3.24
C THR A 122 -16.05 4.45 -3.02
N HIS A 123 -15.62 3.34 -2.41
CA HIS A 123 -14.25 3.13 -1.99
C HIS A 123 -13.84 1.71 -2.31
N LEU A 124 -12.57 1.52 -2.68
CA LEU A 124 -11.99 0.21 -2.92
C LEU A 124 -10.69 0.10 -2.16
N ILE A 125 -10.54 -0.96 -1.37
CA ILE A 125 -9.25 -1.35 -0.80
C ILE A 125 -8.90 -2.67 -1.46
N PHE A 126 -7.76 -2.74 -2.12
CA PHE A 126 -7.25 -3.99 -2.67
C PHE A 126 -5.96 -4.30 -1.92
N CYS A 127 -5.78 -5.54 -1.48
CA CYS A 127 -4.60 -5.96 -0.74
C CYS A 127 -4.05 -7.25 -1.35
N THR A 128 -2.76 -7.25 -1.66
CA THR A 128 -2.08 -8.45 -2.08
C THR A 128 -0.61 -8.36 -1.76
N ALA A 129 -0.04 -9.51 -1.41
CA ALA A 129 1.40 -9.66 -1.20
C ALA A 129 2.02 -10.51 -2.30
N SER A 130 1.28 -10.75 -3.39
CA SER A 130 1.68 -11.69 -4.43
C SER A 130 2.17 -11.08 -5.73
N CYS A 131 2.09 -9.77 -5.86
CA CYS A 131 2.47 -9.10 -7.08
C CYS A 131 2.54 -7.62 -6.81
N VAL A 132 3.04 -6.86 -7.78
CA VAL A 132 3.08 -5.41 -7.68
C VAL A 132 3.24 -4.86 -9.08
N ASP A 133 2.51 -3.79 -9.41
CA ASP A 133 2.52 -3.20 -10.76
C ASP A 133 1.95 -1.81 -10.68
N MET A 134 2.23 -0.97 -11.69
CA MET A 134 1.66 0.37 -11.79
C MET A 134 1.11 0.56 -13.22
N PRO A 135 -0.19 0.86 -13.41
CA PRO A 135 -1.25 0.86 -12.40
C PRO A 135 -1.39 -0.48 -11.69
N GLY A 136 -2.03 -0.47 -10.53
CA GLY A 136 -2.10 -1.63 -9.68
C GLY A 136 -3.33 -2.51 -9.84
N CYS A 137 -3.42 -3.48 -8.94
CA CYS A 137 -4.53 -4.41 -8.94
C CYS A 137 -5.87 -3.71 -8.72
N ASP A 138 -5.86 -2.64 -7.95
CA ASP A 138 -7.06 -1.88 -7.73
C ASP A 138 -7.62 -1.32 -9.04
N PHE A 139 -6.76 -0.73 -9.86
CA PHE A 139 -7.12 -0.23 -11.17
C PHE A 139 -7.66 -1.38 -12.03
N GLN A 140 -6.98 -2.51 -12.02
CA GLN A 140 -7.41 -3.62 -12.85
C GLN A 140 -8.79 -4.13 -12.42
N LEU A 141 -9.03 -4.16 -11.11
CA LEU A 141 -10.33 -4.61 -10.61
C LEU A 141 -11.44 -3.64 -10.98
N ILE A 142 -11.17 -2.35 -10.94
CA ILE A 142 -12.14 -1.37 -11.37
C ILE A 142 -12.59 -1.65 -12.78
N LYS A 143 -11.64 -1.93 -13.65
CA LYS A 143 -11.96 -2.28 -15.02
C LYS A 143 -12.80 -3.56 -15.09
N LEU A 144 -12.39 -4.62 -14.40
CA LEU A 144 -13.10 -5.88 -14.46
C LEU A 144 -14.53 -5.78 -13.97
N LEU A 145 -14.76 -5.05 -12.89
CA LEU A 145 -16.06 -4.97 -12.27
C LEU A 145 -16.93 -3.85 -12.82
N GLY A 146 -16.34 -2.89 -13.52
CA GLY A 146 -17.08 -1.71 -13.90
C GLY A 146 -17.40 -0.80 -12.73
N LEU A 147 -16.50 -0.71 -11.75
CA LEU A 147 -16.69 0.26 -10.66
C LEU A 147 -16.65 1.67 -11.23
N ASP A 148 -17.27 2.60 -10.51
CA ASP A 148 -17.21 4.01 -10.86
C ASP A 148 -15.75 4.43 -11.00
N PRO A 149 -15.40 5.14 -12.07
CA PRO A 149 -14.01 5.56 -12.24
C PRO A 149 -13.51 6.50 -11.14
N SER A 150 -14.45 7.05 -10.36
N SER A 150 -14.43 7.07 -10.36
CA SER A 150 -14.14 7.96 -9.28
CA SER A 150 -14.06 7.97 -9.27
C SER A 150 -14.23 7.28 -7.92
C SER A 150 -14.15 7.27 -7.91
N VAL A 151 -14.11 5.95 -7.87
CA VAL A 151 -13.93 5.29 -6.57
CA VAL A 151 -13.94 5.27 -6.61
C VAL A 151 -12.63 5.72 -5.93
N THR A 152 -12.70 5.87 -4.61
CA THR A 152 -11.53 6.27 -3.80
C THR A 152 -10.79 5.02 -3.37
N ARG A 153 -9.54 4.89 -3.79
CA ARG A 153 -8.80 3.65 -3.71
C ARG A 153 -7.67 3.66 -2.71
N THR A 154 -7.43 2.51 -2.12
CA THR A 154 -6.28 2.24 -1.27
C THR A 154 -5.73 0.90 -1.75
N MET A 155 -4.49 0.87 -2.21
CA MET A 155 -3.84 -0.30 -2.76
C MET A 155 -2.71 -0.71 -1.81
N ILE A 156 -2.91 -1.80 -1.09
CA ILE A 156 -2.00 -2.30 -0.07
C ILE A 156 -1.20 -3.46 -0.65
N TYR A 157 0.04 -3.16 -1.01
CA TYR A 157 0.96 -4.13 -1.57
C TYR A 157 1.94 -4.62 -0.53
N GLU A 158 2.16 -5.93 -0.50
CA GLU A 158 3.24 -6.53 0.28
C GLU A 158 3.21 -6.15 1.76
N ALA A 159 2.04 -6.14 2.37
CA ALA A 159 1.95 -6.04 3.82
C ALA A 159 2.21 -7.37 4.54
N GLY A 160 1.59 -8.43 4.05
N GLY A 160 1.61 -8.45 4.06
CA GLY A 160 1.71 -9.73 4.67
CA GLY A 160 1.76 -9.74 4.69
C GLY A 160 0.55 -10.08 5.59
C GLY A 160 0.62 -10.07 5.64
N CSD A 161 0.82 -11.10 6.44
CA CSD A 161 -0.28 -11.86 6.97
CB CSD A 161 0.21 -13.21 7.46
SG CSD A 161 0.31 -14.41 6.16
C CSD A 161 -1.07 -11.15 8.04
O CSD A 161 -2.11 -11.75 8.38
OD1 CSD A 161 1.35 -13.88 5.24
OD2 CSD A 161 0.78 -15.63 6.85
H CSD A 161 1.63 -11.43 6.72
HA CSD A 161 -0.89 -12.04 6.25
HB2 CSD A 161 1.09 -13.09 7.86
HB3 CSD A 161 -0.40 -13.53 8.14
N CYS A 161 0.80 -10.96 6.55
CA CYS A 161 -0.29 -11.75 7.11
C CYS A 161 -1.04 -11.13 8.28
N TYR A 162 -0.73 -9.89 8.62
N TYR A 162 -0.70 -9.96 8.51
CA TYR A 162 -1.58 -9.10 9.50
CA TYR A 162 -1.56 -9.22 9.43
C TYR A 162 -2.70 -8.40 8.74
C TYR A 162 -2.64 -8.38 8.74
N ALA A 163 -2.60 -8.34 7.42
CA ALA A 163 -3.39 -7.37 6.69
C ALA A 163 -4.87 -7.69 6.60
N GLY A 164 -5.29 -8.92 6.87
CA GLY A 164 -6.71 -9.20 6.88
C GLY A 164 -7.43 -8.43 7.96
N ALA A 165 -6.73 -8.14 9.07
CA ALA A 165 -7.26 -7.28 10.11
C ALA A 165 -7.07 -5.82 9.72
N THR A 166 -5.90 -5.46 9.20
CA THR A 166 -5.60 -4.07 8.82
C THR A 166 -6.62 -3.53 7.82
N VAL A 167 -7.04 -4.31 6.83
CA VAL A 167 -7.95 -3.75 5.85
C VAL A 167 -9.31 -3.46 6.48
N LEU A 168 -9.71 -4.20 7.50
CA LEU A 168 -10.95 -3.90 8.20
C LEU A 168 -10.84 -2.59 8.98
N ARG A 169 -9.69 -2.36 9.60
CA ARG A 169 -9.41 -1.10 10.26
C ARG A 169 -9.46 0.08 9.31
N MET A 170 -8.81 -0.07 8.15
CA MET A 170 -8.85 1.00 7.16
C MET A 170 -10.27 1.24 6.67
N ALA A 171 -10.98 0.16 6.36
CA ALA A 171 -12.34 0.27 5.85
C ALA A 171 -13.23 0.95 6.89
N LYS A 172 -13.03 0.63 8.16
CA LYS A 172 -13.78 1.28 9.24
C LYS A 172 -13.63 2.77 9.19
N ASP A 173 -12.40 3.26 9.13
CA ASP A 173 -12.20 4.70 9.13
C ASP A 173 -12.79 5.35 7.88
N PHE A 174 -12.61 4.73 6.73
CA PHE A 174 -13.15 5.30 5.50
C PHE A 174 -14.67 5.32 5.54
N ALA A 175 -15.27 4.22 6.00
CA ALA A 175 -16.73 4.14 6.04
C ALA A 175 -17.35 5.10 7.05
N GLU A 176 -16.68 5.27 8.19
CA GLU A 176 -17.25 6.11 9.25
C GLU A 176 -17.04 7.58 8.97
N ASN A 177 -15.93 7.93 8.31
CA ASN A 177 -15.66 9.34 8.08
C ASN A 177 -16.28 9.91 6.81
N ASN A 178 -16.77 9.06 5.93
CA ASN A 178 -17.37 9.46 4.67
C ASN A 178 -18.81 9.00 4.67
N LYS A 179 -19.73 9.91 4.92
CA LYS A 179 -21.13 9.53 5.10
C LYS A 179 -21.69 8.89 3.85
N GLY A 180 -22.32 7.73 4.03
CA GLY A 180 -22.88 6.98 2.93
C GLY A 180 -21.88 6.12 2.21
N ALA A 181 -20.60 6.17 2.56
CA ALA A 181 -19.61 5.39 1.84
C ALA A 181 -19.89 3.89 1.95
N ARG A 182 -19.54 3.19 0.89
CA ARG A 182 -19.60 1.73 0.86
C ARG A 182 -18.26 1.28 0.32
N VAL A 183 -17.53 0.53 1.13
CA VAL A 183 -16.16 0.16 0.84
C VAL A 183 -16.12 -1.30 0.41
N LEU A 184 -15.62 -1.55 -0.79
CA LEU A 184 -15.31 -2.89 -1.22
C LEU A 184 -13.87 -3.17 -0.86
N VAL A 185 -13.65 -4.24 -0.11
CA VAL A 185 -12.33 -4.65 0.34
C VAL A 185 -12.03 -5.98 -0.30
N VAL A 186 -10.96 -6.09 -1.06
CA VAL A 186 -10.58 -7.33 -1.73
C VAL A 186 -9.17 -7.70 -1.39
N CYS A 187 -8.97 -8.89 -0.86
CA CYS A 187 -7.66 -9.43 -0.54
C CYS A 187 -7.47 -10.66 -1.41
N ALA A 188 -6.42 -10.73 -2.20
CA ALA A 188 -6.24 -11.86 -3.11
C ALA A 188 -4.79 -12.29 -3.14
N GLU A 189 -4.56 -13.59 -3.09
CA GLU A 189 -3.21 -14.16 -3.07
C GLU A 189 -3.08 -15.31 -4.06
N ILE A 190 -2.00 -15.25 -4.83
CA ILE A 190 -1.60 -16.31 -5.76
C ILE A 190 -0.11 -16.55 -5.47
N THR A 191 0.19 -17.69 -4.87
CA THR A 191 1.50 -17.96 -4.28
C THR A 191 2.53 -18.44 -5.27
N THR A 192 2.21 -18.40 -6.56
CA THR A 192 3.19 -18.67 -7.61
C THR A 192 4.47 -17.86 -7.40
N VAL A 193 4.35 -16.61 -6.96
CA VAL A 193 5.51 -15.76 -6.78
C VAL A 193 6.44 -16.20 -5.64
N PHE A 194 5.90 -16.99 -4.71
CA PHE A 194 6.61 -17.48 -3.53
C PHE A 194 7.11 -18.91 -3.67
N PHE A 195 6.78 -19.61 -4.77
CA PHE A 195 7.20 -20.99 -4.94
C PHE A 195 8.71 -21.05 -5.17
N HIS A 196 9.43 -21.81 -4.36
CA HIS A 196 10.87 -22.01 -4.59
C HIS A 196 11.26 -23.46 -4.47
N GLY A 197 12.37 -23.80 -5.14
CA GLY A 197 12.95 -25.12 -5.02
C GLY A 197 13.66 -25.32 -3.71
N LEU A 198 14.29 -26.48 -3.64
CA LEU A 198 14.60 -27.10 -2.38
C LEU A 198 16.09 -27.21 -2.14
N THR A 199 16.53 -26.67 -1.01
CA THR A 199 17.94 -26.69 -0.61
C THR A 199 18.03 -26.73 0.89
N ASP A 200 18.99 -27.49 1.40
CA ASP A 200 19.19 -27.60 2.84
C ASP A 200 19.76 -26.31 3.42
N THR A 201 20.12 -25.36 2.58
CA THR A 201 20.59 -24.06 3.03
C THR A 201 19.43 -23.09 3.29
N HIS A 202 18.21 -23.47 2.93
CA HIS A 202 17.04 -22.62 3.11
C HIS A 202 15.82 -23.49 3.40
N LEU A 203 15.82 -24.07 4.59
CA LEU A 203 14.78 -25.04 4.95
C LEU A 203 13.43 -24.42 5.18
N ASP A 204 13.39 -23.10 5.36
CA ASP A 204 12.13 -22.38 5.55
C ASP A 204 11.17 -22.63 4.39
N ILE A 205 11.72 -22.87 3.19
CA ILE A 205 10.91 -23.14 2.03
C ILE A 205 10.05 -24.39 2.23
N LEU A 206 10.55 -25.37 3.00
CA LEU A 206 9.73 -26.55 3.26
C LEU A 206 8.44 -26.19 4.02
N VAL A 207 8.51 -25.19 4.88
CA VAL A 207 7.36 -24.77 5.65
C VAL A 207 6.35 -24.07 4.72
N GLY A 208 6.80 -23.13 3.90
CA GLY A 208 5.89 -22.46 2.98
C GLY A 208 5.31 -23.42 1.95
N GLN A 209 6.11 -24.37 1.48
CA GLN A 209 5.61 -25.39 0.56
C GLN A 209 4.50 -26.24 1.16
N ALA A 210 4.52 -26.44 2.48
CA ALA A 210 3.48 -27.22 3.14
C ALA A 210 2.22 -26.41 3.44
N LEU A 211 2.37 -25.12 3.72
CA LEU A 211 1.30 -24.33 4.32
C LEU A 211 0.65 -23.31 3.40
N PHE A 212 1.41 -22.67 2.52
CA PHE A 212 0.89 -21.51 1.80
C PHE A 212 -0.07 -21.94 0.68
N ALA A 213 -1.07 -21.11 0.43
CA ALA A 213 -2.14 -21.48 -0.49
C ALA A 213 -2.77 -20.22 -1.10
N ASP A 214 -3.64 -20.47 -2.09
CA ASP A 214 -4.18 -19.37 -2.87
C ASP A 214 -5.65 -19.15 -2.52
N GLY A 215 -6.09 -17.91 -2.61
CA GLY A 215 -7.46 -17.57 -2.29
C GLY A 215 -7.69 -16.08 -2.35
N ALA A 216 -8.95 -15.70 -2.40
CA ALA A 216 -9.35 -14.32 -2.33
C ALA A 216 -10.58 -14.18 -1.49
N SER A 217 -10.67 -13.05 -0.80
CA SER A 217 -11.85 -12.63 -0.08
C SER A 217 -12.28 -11.27 -0.55
N ALA A 218 -13.58 -11.00 -0.38
CA ALA A 218 -14.14 -9.68 -0.61
C ALA A 218 -15.12 -9.40 0.51
N VAL A 219 -15.06 -8.20 1.04
CA VAL A 219 -15.91 -7.78 2.13
C VAL A 219 -16.48 -6.42 1.75
N ILE A 220 -17.75 -6.18 2.01
CA ILE A 220 -18.31 -4.84 1.85
C ILE A 220 -18.50 -4.28 3.23
N VAL A 221 -18.02 -3.06 3.44
CA VAL A 221 -18.10 -2.38 4.73
C VAL A 221 -18.83 -1.05 4.58
N GLY A 222 -19.75 -0.78 5.49
CA GLY A 222 -20.44 0.51 5.49
C GLY A 222 -21.06 0.77 6.85
N ALA A 223 -21.14 2.05 7.20
CA ALA A 223 -21.91 2.45 8.36
C ALA A 223 -23.34 2.78 7.92
N ASN A 224 -24.27 2.76 8.88
CA ASN A 224 -25.68 3.12 8.61
C ASN A 224 -26.33 2.22 7.57
N PRO A 225 -26.51 0.93 7.88
CA PRO A 225 -27.08 0.01 6.89
C PRO A 225 -28.49 0.42 6.45
N GLU A 226 -28.79 0.24 5.17
CA GLU A 226 -30.07 0.59 4.53
C GLU A 226 -31.04 -0.54 4.79
N PRO A 227 -32.08 -0.28 5.59
CA PRO A 227 -32.83 -1.44 6.09
C PRO A 227 -33.59 -2.25 5.05
N GLU A 228 -33.96 -1.64 3.93
CA GLU A 228 -34.70 -2.36 2.90
C GLU A 228 -33.83 -3.33 2.06
N ILE A 229 -32.52 -3.27 2.28
CA ILE A 229 -31.61 -3.92 1.34
C ILE A 229 -30.48 -4.65 2.08
N GLU A 230 -29.81 -3.97 3.02
CA GLU A 230 -28.56 -4.44 3.57
C GLU A 230 -28.80 -5.25 4.85
N ARG A 231 -27.93 -6.22 5.08
CA ARG A 231 -28.02 -7.13 6.21
C ARG A 231 -26.64 -7.29 6.83
N PRO A 232 -26.37 -6.54 7.90
CA PRO A 232 -25.05 -6.62 8.52
C PRO A 232 -24.73 -7.97 9.13
N LEU A 233 -23.46 -8.33 9.07
CA LEU A 233 -22.93 -9.57 9.63
C LEU A 233 -22.13 -9.36 10.89
N PHE A 234 -21.29 -8.32 10.91
CA PHE A 234 -20.45 -7.99 12.04
C PHE A 234 -20.31 -6.48 12.10
N GLU A 235 -19.98 -5.96 13.28
CA GLU A 235 -19.66 -4.56 13.49
C GLU A 235 -18.19 -4.45 13.83
N ILE A 236 -17.49 -3.50 13.22
CA ILE A 236 -16.06 -3.30 13.48
C ILE A 236 -15.95 -2.19 14.53
N VAL A 237 -15.66 -2.58 15.77
CA VAL A 237 -15.74 -1.68 16.91
C VAL A 237 -14.46 -0.90 17.18
N ALA A 238 -13.33 -1.58 17.26
CA ALA A 238 -12.07 -0.95 17.64
C ALA A 238 -10.93 -1.81 17.12
N CYS A 239 -9.77 -1.22 16.87
CA CYS A 239 -8.64 -1.92 16.29
C CYS A 239 -7.35 -1.45 16.94
N ARG A 240 -6.34 -2.29 16.90
CA ARG A 240 -5.02 -1.93 17.40
C ARG A 240 -3.97 -2.66 16.60
N GLN A 241 -2.88 -2.01 16.29
CA GLN A 241 -1.75 -2.61 15.60
C GLN A 241 -0.53 -2.45 16.50
N THR A 242 0.30 -3.48 16.61
CA THR A 242 1.50 -3.39 17.44
C THR A 242 2.60 -4.27 16.91
N ILE A 243 3.83 -3.93 17.26
CA ILE A 243 5.00 -4.71 16.93
C ILE A 243 5.41 -5.50 18.18
N LEU A 244 5.60 -6.81 18.04
CA LEU A 244 5.99 -7.63 19.16
C LEU A 244 7.49 -7.41 19.38
N PRO A 245 7.92 -7.15 20.61
CA PRO A 245 9.34 -6.85 20.83
C PRO A 245 10.29 -7.96 20.39
N ASN A 246 11.44 -7.52 19.89
CA ASN A 246 12.57 -8.43 19.65
C ASN A 246 12.28 -9.57 18.67
N SER A 247 11.47 -9.29 17.66
CA SER A 247 11.01 -10.34 16.75
C SER A 247 11.14 -9.98 15.27
N GLU A 248 12.06 -9.07 14.93
N GLU A 248 12.09 -9.11 14.95
CA GLU A 248 12.16 -8.59 13.55
CA GLU A 248 12.20 -8.60 13.59
C GLU A 248 12.47 -9.72 12.58
C GLU A 248 12.57 -9.67 12.57
N HIS A 249 13.20 -10.72 13.05
CA HIS A 249 13.57 -11.87 12.21
C HIS A 249 12.43 -12.89 12.07
N GLY A 250 11.26 -12.63 12.66
CA GLY A 250 10.23 -13.64 12.65
C GLY A 250 9.73 -14.04 11.27
N VAL A 251 9.32 -13.03 10.50
CA VAL A 251 8.88 -13.25 9.14
C VAL A 251 9.47 -12.16 8.27
N VAL A 252 10.24 -12.56 7.26
CA VAL A 252 10.91 -11.65 6.37
C VAL A 252 10.62 -12.09 4.96
N ALA A 253 10.33 -11.16 4.06
CA ALA A 253 10.13 -11.53 2.65
C ALA A 253 10.68 -10.41 1.80
N ASN A 254 11.50 -10.80 0.84
CA ASN A 254 12.20 -9.85 -0.04
C ASN A 254 11.81 -10.06 -1.49
N ILE A 255 11.68 -8.97 -2.21
CA ILE A 255 11.28 -8.97 -3.61
C ILE A 255 12.55 -8.93 -4.44
N ARG A 256 12.89 -10.06 -5.08
CA ARG A 256 14.20 -10.29 -5.66
C ARG A 256 14.06 -10.77 -7.09
N GLU A 257 15.19 -10.83 -7.79
CA GLU A 257 15.21 -11.39 -9.14
C GLU A 257 14.73 -12.83 -9.19
N MET A 258 14.90 -13.57 -8.11
CA MET A 258 14.45 -14.98 -8.01
C MET A 258 12.98 -15.16 -7.63
N GLY A 259 12.25 -14.06 -7.49
CA GLY A 259 10.88 -14.07 -6.99
C GLY A 259 10.80 -13.49 -5.59
N PHE A 260 9.71 -13.79 -4.90
CA PHE A 260 9.52 -13.26 -3.56
C PHE A 260 10.07 -14.32 -2.60
N ASN A 261 11.23 -14.04 -2.04
CA ASN A 261 11.91 -14.97 -1.15
C ASN A 261 11.43 -14.71 0.27
N TYR A 262 11.44 -15.72 1.13
CA TYR A 262 10.93 -15.56 2.49
C TYR A 262 11.72 -16.39 3.47
N TYR A 263 11.71 -15.91 4.71
CA TYR A 263 12.35 -16.58 5.84
C TYR A 263 11.36 -16.55 6.99
N LEU A 264 11.31 -17.66 7.72
CA LEU A 264 10.35 -17.85 8.79
C LEU A 264 11.09 -18.39 10.00
N SER A 265 11.10 -17.66 11.10
CA SER A 265 11.74 -18.17 12.29
C SER A 265 10.90 -19.25 12.95
N GLY A 266 11.56 -20.31 13.42
CA GLY A 266 10.90 -21.31 14.22
C GLY A 266 10.31 -20.78 15.51
N ASP A 267 10.73 -19.58 15.92
CA ASP A 267 10.23 -19.00 17.16
C ASP A 267 8.95 -18.19 17.04
N VAL A 268 8.42 -18.03 15.83
CA VAL A 268 7.19 -17.24 15.68
C VAL A 268 6.06 -17.68 16.63
N PRO A 269 5.75 -18.99 16.70
CA PRO A 269 4.67 -19.37 17.63
C PRO A 269 4.93 -18.95 19.07
N LYS A 270 6.17 -19.08 19.52
CA LYS A 270 6.52 -18.67 20.88
C LYS A 270 6.37 -17.16 21.09
N PHE A 271 6.70 -16.36 20.08
CA PHE A 271 6.50 -14.93 20.21
C PHE A 271 5.01 -14.59 20.29
N VAL A 272 4.20 -15.26 19.48
CA VAL A 272 2.76 -15.01 19.53
C VAL A 272 2.21 -15.40 20.90
N GLY A 273 2.54 -16.60 21.35
CA GLY A 273 2.06 -17.06 22.64
C GLY A 273 2.53 -16.16 23.77
N GLY A 274 3.77 -15.68 23.68
CA GLY A 274 4.32 -14.83 24.73
C GLY A 274 3.72 -13.46 24.82
N ASN A 275 3.04 -13.02 23.76
CA ASN A 275 2.48 -11.69 23.70
C ASN A 275 0.96 -11.63 23.63
N VAL A 276 0.29 -12.77 23.44
CA VAL A 276 -1.14 -12.74 23.14
C VAL A 276 -2.00 -12.18 24.27
N VAL A 277 -1.72 -12.52 25.52
CA VAL A 277 -2.48 -11.93 26.61
C VAL A 277 -2.33 -10.41 26.58
N ASP A 278 -1.11 -9.93 26.41
CA ASP A 278 -0.88 -8.49 26.37
C ASP A 278 -1.57 -7.81 25.19
N PHE A 279 -1.42 -8.33 23.98
CA PHE A 279 -2.03 -7.64 22.87
C PHE A 279 -3.55 -7.71 22.91
N MET A 280 -4.11 -8.80 23.46
CA MET A 280 -5.55 -8.87 23.65
C MET A 280 -6.00 -7.85 24.69
N THR A 281 -5.28 -7.77 25.80
CA THR A 281 -5.65 -6.85 26.86
C THR A 281 -5.61 -5.40 26.37
N LYS A 282 -4.55 -5.04 25.66
CA LYS A 282 -4.41 -3.67 25.20
C LYS A 282 -5.46 -3.35 24.14
N THR A 283 -5.88 -4.34 23.38
CA THR A 283 -6.91 -4.11 22.39
C THR A 283 -8.24 -3.83 23.08
N PHE A 284 -8.60 -4.67 24.04
CA PHE A 284 -9.88 -4.51 24.73
C PHE A 284 -9.89 -3.31 25.68
N GLU A 285 -8.74 -2.73 25.98
CA GLU A 285 -8.69 -1.48 26.72
C GLU A 285 -9.40 -0.36 25.95
N LYS A 286 -9.47 -0.50 24.64
CA LYS A 286 -10.14 0.49 23.79
C LYS A 286 -11.65 0.36 23.82
N VAL A 287 -12.14 -0.71 24.43
CA VAL A 287 -13.56 -1.02 24.43
C VAL A 287 -14.13 -0.95 25.85
N ASP A 288 -13.74 -1.91 26.71
CA ASP A 288 -14.37 -2.09 28.03
C ASP A 288 -13.39 -2.54 29.11
N GLY A 289 -12.11 -2.67 28.76
CA GLY A 289 -11.13 -3.10 29.74
C GLY A 289 -11.08 -4.58 30.02
N LYS A 290 -11.60 -5.42 29.14
CA LYS A 290 -11.55 -6.87 29.37
C LYS A 290 -10.13 -7.33 29.56
N LYS A 291 -9.90 -8.17 30.58
CA LYS A 291 -8.54 -8.58 30.97
C LYS A 291 -8.40 -10.08 31.17
N LYS A 292 -9.50 -10.81 31.09
CA LYS A 292 -9.50 -12.25 31.39
C LYS A 292 -10.78 -12.85 30.80
N ASP A 293 -10.95 -14.15 31.00
CA ASP A 293 -12.14 -14.88 30.54
C ASP A 293 -12.37 -14.73 29.02
N TRP A 294 -11.31 -15.04 28.30
CA TRP A 294 -11.27 -14.93 26.86
C TRP A 294 -12.23 -15.88 26.14
N ASN A 295 -12.72 -16.92 26.83
CA ASN A 295 -13.68 -17.82 26.22
C ASN A 295 -15.03 -17.18 25.95
N SER A 296 -15.27 -15.97 26.48
CA SER A 296 -16.54 -15.31 26.22
C SER A 296 -16.64 -14.75 24.81
N LEU A 297 -15.52 -14.71 24.10
CA LEU A 297 -15.41 -14.15 22.75
C LEU A 297 -15.51 -15.22 21.67
N PHE A 298 -15.87 -14.78 20.46
CA PHE A 298 -15.58 -15.55 19.26
C PHE A 298 -14.29 -15.05 18.61
N PHE A 299 -13.66 -15.91 17.82
CA PHE A 299 -12.32 -15.63 17.29
C PHE A 299 -12.17 -15.95 15.80
N SER A 300 -11.49 -15.07 15.10
CA SER A 300 -10.92 -15.38 13.80
C SER A 300 -9.42 -15.12 13.90
N VAL A 301 -8.64 -16.19 13.98
CA VAL A 301 -7.20 -16.07 14.19
C VAL A 301 -6.50 -16.45 12.89
N HIS A 302 -5.59 -15.60 12.42
CA HIS A 302 -4.87 -15.91 11.22
C HIS A 302 -4.05 -17.18 11.47
N PRO A 303 -4.29 -18.25 10.70
CA PRO A 303 -3.62 -19.53 11.03
C PRO A 303 -2.30 -19.62 10.26
N GLY A 304 -1.33 -18.84 10.70
CA GLY A 304 -0.07 -18.74 10.00
C GLY A 304 0.61 -20.08 9.93
N GLY A 305 0.40 -20.86 10.98
CA GLY A 305 0.73 -22.26 11.02
C GLY A 305 -0.03 -22.89 12.17
N PRO A 306 0.03 -24.21 12.26
CA PRO A 306 -0.72 -24.91 13.30
C PRO A 306 -0.29 -24.51 14.72
N ALA A 307 0.99 -24.26 14.90
CA ALA A 307 1.47 -23.95 16.24
C ALA A 307 1.04 -22.57 16.71
N ILE A 308 0.85 -21.62 15.78
CA ILE A 308 0.32 -20.33 16.17
C ILE A 308 -1.08 -20.49 16.76
N VAL A 309 -1.92 -21.29 16.10
CA VAL A 309 -3.28 -21.52 16.56
C VAL A 309 -3.23 -22.15 17.95
N ASP A 310 -2.38 -23.17 18.11
CA ASP A 310 -2.29 -23.82 19.40
C ASP A 310 -1.79 -22.89 20.51
N GLN A 311 -0.87 -21.98 20.20
CA GLN A 311 -0.37 -21.03 21.19
C GLN A 311 -1.44 -20.04 21.64
N VAL A 312 -2.24 -19.54 20.70
CA VAL A 312 -3.32 -18.65 21.07
C VAL A 312 -4.29 -19.39 22.00
N GLU A 313 -4.65 -20.61 21.62
CA GLU A 313 -5.56 -21.41 22.43
C GLU A 313 -5.01 -21.62 23.84
N GLU A 314 -3.75 -22.02 23.93
CA GLU A 314 -3.17 -22.32 25.22
C GLU A 314 -3.05 -21.07 26.10
N LYS A 315 -2.46 -20.01 25.57
CA LYS A 315 -2.15 -18.87 26.40
C LYS A 315 -3.37 -18.05 26.80
N LEU A 316 -4.42 -18.08 25.99
CA LEU A 316 -5.68 -17.45 26.37
C LEU A 316 -6.60 -18.38 27.15
N GLY A 317 -6.18 -19.63 27.36
CA GLY A 317 -6.99 -20.58 28.11
C GLY A 317 -8.29 -20.93 27.41
N LEU A 318 -8.27 -20.99 26.08
CA LEU A 318 -9.50 -21.28 25.34
C LEU A 318 -9.89 -22.75 25.45
N LYS A 319 -11.19 -22.99 25.54
CA LYS A 319 -11.72 -24.35 25.65
C LYS A 319 -11.68 -25.06 24.33
N GLU A 320 -11.82 -26.37 24.42
CA GLU A 320 -11.89 -27.21 23.25
C GLU A 320 -12.99 -26.71 22.34
N GLY A 321 -12.64 -26.56 21.09
CA GLY A 321 -13.59 -26.17 20.07
C GLY A 321 -13.75 -24.68 19.89
N LYS A 322 -13.15 -23.86 20.74
CA LYS A 322 -13.32 -22.42 20.58
C LYS A 322 -12.80 -21.95 19.23
N LEU A 323 -11.68 -22.55 18.77
CA LEU A 323 -11.05 -22.16 17.51
C LEU A 323 -11.44 -23.09 16.35
N ARG A 324 -12.60 -23.73 16.44
CA ARG A 324 -13.03 -24.63 15.38
C ARG A 324 -13.05 -23.99 13.98
N ALA A 325 -13.61 -22.78 13.87
CA ALA A 325 -13.74 -22.17 12.54
C ALA A 325 -12.37 -21.88 11.94
N THR A 326 -11.45 -21.40 12.77
CA THR A 326 -10.07 -21.14 12.38
C THR A 326 -9.43 -22.44 11.88
N ARG A 327 -9.55 -23.51 12.67
CA ARG A 327 -8.93 -24.78 12.32
C ARG A 327 -9.57 -25.39 11.07
N HIS A 328 -10.86 -25.17 10.89
CA HIS A 328 -11.54 -25.68 9.71
C HIS A 328 -10.98 -25.05 8.44
N VAL A 329 -10.81 -23.74 8.45
CA VAL A 329 -10.27 -23.07 7.28
C VAL A 329 -8.83 -23.49 7.02
N LEU A 330 -8.01 -23.56 8.07
CA LEU A 330 -6.65 -24.05 7.89
C LEU A 330 -6.65 -25.44 7.23
N SER A 331 -7.54 -26.31 7.70
CA SER A 331 -7.63 -27.66 7.18
C SER A 331 -8.04 -27.69 5.71
N GLU A 332 -9.07 -26.92 5.36
CA GLU A 332 -9.68 -27.03 4.04
C GLU A 332 -9.06 -26.14 2.99
N TYR A 333 -8.29 -25.12 3.40
CA TYR A 333 -7.74 -24.14 2.50
C TYR A 333 -6.28 -23.82 2.69
N GLY A 334 -5.70 -24.14 3.83
CA GLY A 334 -4.35 -23.68 4.15
C GLY A 334 -4.27 -22.22 4.52
N ASN A 335 -3.04 -21.72 4.57
CA ASN A 335 -2.75 -20.32 4.88
C ASN A 335 -2.71 -19.53 3.58
N MET A 336 -3.79 -18.80 3.30
CA MET A 336 -3.91 -18.01 2.09
C MET A 336 -3.50 -16.57 2.31
N GLY A 337 -2.82 -16.25 3.42
CA GLY A 337 -2.43 -14.88 3.69
C GLY A 337 -3.59 -14.06 4.20
N ALA A 338 -3.56 -12.76 3.88
CA ALA A 338 -4.57 -11.82 4.37
C ALA A 338 -6.03 -12.27 4.27
N PRO A 339 -6.46 -12.91 3.15
CA PRO A 339 -7.87 -13.31 3.10
C PRO A 339 -8.32 -14.30 4.15
N THR A 340 -7.40 -15.03 4.74
CA THR A 340 -7.76 -16.19 5.54
C THR A 340 -8.73 -15.86 6.68
N VAL A 341 -8.47 -14.77 7.41
CA VAL A 341 -9.35 -14.41 8.51
C VAL A 341 -10.77 -14.08 8.02
N HIS A 342 -10.92 -13.67 6.78
CA HIS A 342 -12.25 -13.41 6.22
C HIS A 342 -12.95 -14.71 5.85
N PHE A 343 -12.20 -15.67 5.32
CA PHE A 343 -12.73 -17.03 5.15
C PHE A 343 -13.24 -17.55 6.50
N ILE A 344 -12.49 -17.31 7.58
CA ILE A 344 -12.88 -17.80 8.89
C ILE A 344 -14.15 -17.13 9.37
N LEU A 345 -14.29 -15.81 9.19
CA LEU A 345 -15.55 -15.16 9.54
C LEU A 345 -16.73 -15.72 8.72
N ASP A 346 -16.50 -15.97 7.44
CA ASP A 346 -17.55 -16.53 6.60
C ASP A 346 -17.95 -17.92 7.08
N GLU A 347 -16.96 -18.75 7.40
CA GLU A 347 -17.20 -20.09 7.94
C GLU A 347 -17.97 -20.02 9.25
N MET A 348 -17.58 -19.08 10.12
CA MET A 348 -18.27 -18.89 11.39
C MET A 348 -19.72 -18.51 11.19
N ARG A 349 -19.97 -17.58 10.29
CA ARG A 349 -21.34 -17.19 9.98
C ARG A 349 -22.12 -18.38 9.44
N ASN A 350 -21.52 -19.17 8.56
N ASN A 350 -21.52 -19.13 8.50
CA ASN A 350 -22.26 -20.24 7.95
CA ASN A 350 -22.19 -20.29 7.91
C ASN A 350 -22.52 -21.38 8.93
C ASN A 350 -22.55 -21.31 8.97
N LYS A 351 -21.57 -21.68 9.79
CA LYS A 351 -21.81 -22.67 10.83
C LYS A 351 -22.82 -22.21 11.84
N SER A 352 -22.85 -20.91 12.12
CA SER A 352 -23.81 -20.36 13.04
C SER A 352 -25.23 -20.50 12.51
N ILE A 353 -25.41 -20.26 11.21
CA ILE A 353 -26.68 -20.51 10.57
C ILE A 353 -27.04 -22.02 10.68
N GLU A 354 -26.10 -22.88 10.37
CA GLU A 354 -26.35 -24.34 10.40
C GLU A 354 -26.81 -24.76 11.78
N GLU A 355 -26.19 -24.25 12.82
CA GLU A 355 -26.46 -24.67 14.19
C GLU A 355 -27.64 -23.93 14.83
N GLY A 356 -28.23 -22.98 14.12
CA GLY A 356 -29.32 -22.21 14.69
C GLY A 356 -28.91 -21.29 15.83
N LYS A 357 -27.69 -20.77 15.76
CA LYS A 357 -27.22 -19.81 16.76
C LYS A 357 -27.96 -18.48 16.63
N THR A 358 -27.94 -17.71 17.71
CA THR A 358 -28.64 -16.45 17.72
C THR A 358 -27.87 -15.36 17.00
N THR A 359 -26.56 -15.53 16.79
CA THR A 359 -25.74 -14.51 16.16
C THR A 359 -24.75 -15.17 15.23
N THR A 360 -24.19 -14.34 14.34
CA THR A 360 -23.17 -14.75 13.38
C THR A 360 -21.85 -15.14 14.03
N GLY A 361 -21.67 -14.77 15.31
CA GLY A 361 -20.46 -15.09 16.05
C GLY A 361 -20.65 -16.25 17.01
N GLU A 362 -21.21 -17.34 16.50
CA GLU A 362 -21.38 -18.56 17.31
C GLU A 362 -22.33 -18.29 18.47
N GLY A 363 -23.28 -17.36 18.29
CA GLY A 363 -24.21 -16.99 19.35
C GLY A 363 -23.68 -15.93 20.31
N LEU A 364 -22.39 -15.62 20.25
CA LEU A 364 -21.77 -14.71 21.19
C LEU A 364 -21.85 -13.30 20.65
N GLU A 365 -21.71 -12.32 21.55
N GLU A 365 -21.68 -12.33 21.54
CA GLU A 365 -21.80 -10.91 21.16
CA GLU A 365 -21.81 -10.93 21.19
C GLU A 365 -20.48 -10.35 20.61
C GLU A 365 -20.51 -10.28 20.68
N TRP A 366 -19.39 -10.57 21.34
CA TRP A 366 -18.11 -9.91 21.08
C TRP A 366 -17.09 -10.91 20.55
N GLY A 367 -16.20 -10.43 19.69
CA GLY A 367 -15.16 -11.27 19.16
C GLY A 367 -13.99 -10.48 18.66
N VAL A 368 -13.01 -11.19 18.10
CA VAL A 368 -11.79 -10.55 17.65
C VAL A 368 -11.25 -11.23 16.43
N VAL A 369 -10.68 -10.42 15.53
CA VAL A 369 -9.87 -10.87 14.42
C VAL A 369 -8.42 -10.57 14.77
N ILE A 370 -7.56 -11.58 14.63
CA ILE A 370 -6.14 -11.45 14.94
C ILE A 370 -5.33 -11.74 13.68
N GLY A 371 -4.70 -10.70 13.13
CA GLY A 371 -3.77 -10.86 12.02
C GLY A 371 -2.34 -10.79 12.51
N ILE A 372 -1.46 -11.62 11.97
CA ILE A 372 -0.08 -11.74 12.44
C ILE A 372 0.84 -11.80 11.23
N GLY A 373 1.85 -10.93 11.15
CA GLY A 373 2.74 -10.95 10.00
C GLY A 373 4.06 -10.25 10.30
N PRO A 374 4.80 -9.80 9.27
CA PRO A 374 6.14 -9.28 9.47
C PRO A 374 6.25 -8.16 10.50
N GLY A 375 7.30 -8.23 11.32
CA GLY A 375 7.58 -7.21 12.32
C GLY A 375 8.24 -7.77 13.57
N LEU A 376 7.64 -8.76 14.22
CA LEU A 376 6.28 -9.27 13.98
C LEU A 376 5.27 -8.20 14.32
N THR A 377 4.30 -8.06 13.45
CA THR A 377 3.21 -7.11 13.62
C THR A 377 1.91 -7.89 13.85
N VAL A 378 1.15 -7.48 14.87
CA VAL A 378 -0.16 -8.04 15.13
C VAL A 378 -1.16 -6.92 15.00
N GLU A 379 -2.20 -7.11 14.19
CA GLU A 379 -3.32 -6.20 14.15
C GLU A 379 -4.54 -6.96 14.62
N THR A 380 -5.26 -6.37 15.55
CA THR A 380 -6.49 -6.94 16.07
C THR A 380 -7.64 -6.02 15.71
N ALA A 381 -8.78 -6.62 15.44
CA ALA A 381 -10.04 -5.88 15.25
C ALA A 381 -11.07 -6.51 16.14
N VAL A 382 -11.62 -5.72 17.05
CA VAL A 382 -12.71 -6.15 17.91
C VAL A 382 -14.00 -6.01 17.13
N LEU A 383 -14.77 -7.08 17.10
CA LEU A 383 -16.04 -7.14 16.40
C LEU A 383 -17.18 -7.37 17.38
N ARG A 384 -18.36 -6.90 16.99
CA ARG A 384 -19.60 -7.47 17.51
C ARG A 384 -20.26 -8.26 16.40
N SER A 385 -20.93 -9.33 16.81
CA SER A 385 -21.75 -10.11 15.92
C SER A 385 -23.05 -9.39 15.62
N GLU A 386 -23.83 -9.97 14.72
CA GLU A 386 -25.20 -9.51 14.40
C GLU A 386 -26.16 -10.68 14.58
N SER A 387 -27.41 -10.35 14.84
CA SER A 387 -28.43 -11.36 15.00
CA SER A 387 -28.44 -11.35 15.00
C SER A 387 -28.67 -12.13 13.71
N ILE A 388 -28.91 -13.43 13.85
CA ILE A 388 -29.46 -14.24 12.77
C ILE A 388 -30.98 -14.20 12.94
N ARG A 389 -31.66 -13.71 11.90
CA ARG A 389 -33.10 -13.46 11.95
C ARG A 389 -33.90 -14.72 12.20
N CYS A 390 -34.90 -14.60 13.07
CA CYS A 390 -35.58 -15.69 13.80
C CYS A 390 -34.95 -17.09 13.86
N GLN B 12 -14.72 20.43 12.19
CA GLN B 12 -13.36 20.23 12.68
C GLN B 12 -12.56 19.35 11.72
N HIS B 13 -12.11 19.93 10.61
CA HIS B 13 -11.41 19.13 9.63
C HIS B 13 -9.96 18.95 10.06
N ALA B 14 -9.39 17.91 9.52
CA ALA B 14 -7.97 17.66 9.62
C ALA B 14 -7.17 18.83 9.09
N LYS B 15 -6.10 19.13 9.82
CA LYS B 15 -5.19 20.20 9.46
C LYS B 15 -3.79 19.65 9.26
N ILE B 16 -3.06 20.23 8.32
CA ILE B 16 -1.61 20.09 8.22
C ILE B 16 -0.98 20.99 9.24
N LEU B 17 -0.21 20.40 10.15
CA LEU B 17 0.40 21.08 11.28
C LEU B 17 1.88 21.35 11.11
N ALA B 18 2.51 20.74 10.12
CA ALA B 18 3.95 20.88 9.88
C ALA B 18 4.28 20.25 8.54
N ILE B 19 5.31 20.75 7.88
CA ILE B 19 5.87 20.16 6.67
C ILE B 19 7.38 20.21 6.79
N GLY B 20 8.05 19.10 6.55
CA GLY B 20 9.50 19.05 6.43
C GLY B 20 9.91 18.33 5.15
N THR B 21 11.09 18.65 4.63
CA THR B 21 11.56 18.05 3.40
C THR B 21 13.05 17.74 3.48
N ALA B 22 13.49 16.85 2.63
CA ALA B 22 14.88 16.44 2.56
C ALA B 22 15.22 15.98 1.16
N ASN B 23 16.50 16.03 0.81
CA ASN B 23 16.99 15.48 -0.44
C ASN B 23 18.38 14.88 -0.24
N PRO B 24 18.79 13.98 -1.13
CA PRO B 24 20.18 13.52 -1.10
C PRO B 24 21.14 14.69 -1.28
N PRO B 25 22.40 14.52 -0.87
CA PRO B 25 23.31 15.67 -0.87
C PRO B 25 23.85 16.06 -2.24
N ASN B 26 23.89 15.13 -3.20
CA ASN B 26 24.56 15.37 -4.48
CA ASN B 26 24.56 15.43 -4.45
C ASN B 26 23.66 16.10 -5.46
N VAL B 27 24.11 17.27 -5.91
CA VAL B 27 23.32 18.08 -6.83
CA VAL B 27 23.33 18.09 -6.84
C VAL B 27 23.82 17.87 -8.27
N TYR B 28 22.88 17.72 -9.17
CA TYR B 28 23.12 17.55 -10.59
C TYR B 28 22.48 18.69 -11.34
N HIS B 29 23.29 19.64 -11.80
CA HIS B 29 22.77 20.74 -12.58
C HIS B 29 22.41 20.24 -13.97
N GLN B 30 21.24 20.63 -14.45
CA GLN B 30 20.75 20.14 -15.72
C GLN B 30 21.68 20.45 -16.87
N LYS B 31 22.36 21.60 -16.82
CA LYS B 31 23.29 21.97 -17.89
C LYS B 31 24.38 20.92 -18.05
N ASP B 32 24.75 20.25 -16.97
CA ASP B 32 25.84 19.27 -16.94
C ASP B 32 25.36 17.83 -17.11
N TYR B 33 24.06 17.59 -17.01
CA TYR B 33 23.56 16.22 -16.91
C TYR B 33 23.73 15.39 -18.20
N PRO B 34 23.46 15.99 -19.37
CA PRO B 34 23.70 15.20 -20.59
C PRO B 34 25.15 14.70 -20.67
N ASP B 35 26.14 15.56 -20.41
CA ASP B 35 27.53 15.09 -20.45
C ASP B 35 27.77 14.00 -19.43
N PHE B 36 27.25 14.18 -18.21
CA PHE B 36 27.40 13.17 -17.16
C PHE B 36 26.79 11.84 -17.58
N LEU B 37 25.54 11.87 -18.01
CA LEU B 37 24.80 10.64 -18.31
C LEU B 37 25.48 9.87 -19.45
N PHE B 38 25.84 10.57 -20.53
CA PHE B 38 26.41 9.90 -21.68
C PHE B 38 27.82 9.39 -21.39
N ARG B 39 28.55 10.09 -20.53
CA ARG B 39 29.88 9.64 -20.15
C ARG B 39 29.84 8.41 -19.25
N VAL B 40 29.05 8.46 -18.18
CA VAL B 40 29.09 7.37 -17.18
C VAL B 40 28.43 6.09 -17.69
N THR B 41 27.54 6.20 -18.68
CA THR B 41 26.88 5.02 -19.24
C THR B 41 27.55 4.53 -20.54
N LYS B 42 28.67 5.16 -20.90
CA LYS B 42 29.49 4.75 -22.04
C LYS B 42 28.73 4.84 -23.36
N ASN B 43 28.00 5.94 -23.53
CA ASN B 43 27.16 6.13 -24.71
C ASN B 43 27.54 7.37 -25.52
N GLU B 44 28.78 7.83 -25.40
CA GLU B 44 29.18 9.06 -26.06
C GLU B 44 29.13 8.95 -27.58
N HIS B 45 29.18 7.72 -28.10
CA HIS B 45 29.07 7.48 -29.54
C HIS B 45 27.64 7.59 -30.07
N ARG B 46 26.65 7.59 -29.18
CA ARG B 46 25.25 7.70 -29.60
C ARG B 46 24.82 9.16 -29.78
N THR B 47 25.34 9.78 -30.84
CA THR B 47 25.10 11.19 -31.11
C THR B 47 23.63 11.48 -31.37
N ASP B 48 22.92 10.50 -31.93
CA ASP B 48 21.49 10.62 -32.19
C ASP B 48 20.70 10.73 -30.88
N LEU B 49 21.01 9.84 -29.95
CA LEU B 49 20.35 9.85 -28.66
C LEU B 49 20.73 11.10 -27.88
N ARG B 50 21.96 11.57 -28.04
CA ARG B 50 22.41 12.77 -27.32
C ARG B 50 21.61 14.00 -27.79
N GLU B 51 21.42 14.12 -29.10
CA GLU B 51 20.59 15.19 -29.64
C GLU B 51 19.20 15.17 -29.04
N LYS B 52 18.58 14.00 -29.03
CA LYS B 52 17.24 13.85 -28.49
C LYS B 52 17.21 14.25 -27.01
N PHE B 53 18.22 13.81 -26.27
CA PHE B 53 18.27 14.10 -24.84
C PHE B 53 18.47 15.59 -24.57
N ASP B 54 19.32 16.23 -25.37
CA ASP B 54 19.51 17.67 -25.26
C ASP B 54 18.22 18.44 -25.47
N ARG B 55 17.43 18.03 -26.46
CA ARG B 55 16.18 18.72 -26.73
C ARG B 55 15.23 18.59 -25.52
N ILE B 56 15.18 17.41 -24.95
CA ILE B 56 14.32 17.17 -23.80
C ILE B 56 14.78 17.99 -22.61
N CYS B 57 16.08 17.99 -22.35
CA CYS B 57 16.59 18.77 -21.23
C CYS B 57 16.33 20.27 -21.39
N GLU B 58 16.47 20.78 -22.62
CA GLU B 58 16.22 22.19 -22.88
C GLU B 58 14.78 22.60 -22.57
N LYS B 59 13.84 21.68 -22.77
CA LYS B 59 12.43 21.95 -22.51
C LYS B 59 11.97 21.56 -21.11
N SER B 60 12.86 20.98 -20.31
CA SER B 60 12.46 20.37 -19.05
C SER B 60 12.02 21.33 -17.96
N ARG B 61 12.44 22.60 -18.03
CA ARG B 61 12.17 23.59 -17.01
C ARG B 61 12.67 23.13 -15.64
N THR B 62 13.71 22.28 -15.66
CA THR B 62 14.35 21.74 -14.46
C THR B 62 15.79 22.21 -14.51
N LYS B 63 16.21 22.99 -13.51
CA LYS B 63 17.54 23.56 -13.45
C LYS B 63 18.51 22.62 -12.72
N LYS B 64 18.03 21.93 -11.70
CA LYS B 64 18.88 21.01 -10.96
C LYS B 64 18.03 20.01 -10.24
N ARG B 65 18.68 18.92 -9.86
CA ARG B 65 18.06 17.80 -9.15
C ARG B 65 19.04 17.24 -8.14
N TYR B 66 18.51 16.67 -7.07
CA TYR B 66 19.31 15.96 -6.09
C TYR B 66 19.14 14.47 -6.32
N LEU B 67 20.23 13.72 -6.36
CA LEU B 67 20.18 12.28 -6.63
C LEU B 67 21.10 11.54 -5.69
N HIS B 68 20.60 10.43 -5.15
CA HIS B 68 21.42 9.53 -4.36
C HIS B 68 22.49 8.85 -5.21
N LEU B 69 22.11 8.39 -6.40
CA LEU B 69 22.99 7.64 -7.26
C LEU B 69 24.24 8.44 -7.58
N THR B 70 25.40 7.78 -7.54
CA THR B 70 26.66 8.38 -7.90
C THR B 70 27.34 7.59 -9.00
N GLU B 71 28.29 8.24 -9.65
CA GLU B 71 29.14 7.57 -10.61
C GLU B 71 29.83 6.35 -10.01
N GLU B 72 30.28 6.43 -8.76
CA GLU B 72 30.95 5.29 -8.16
C GLU B 72 30.02 4.09 -8.03
N MET B 73 28.76 4.34 -7.71
CA MET B 73 27.79 3.24 -7.65
C MET B 73 27.58 2.60 -9.02
N LEU B 74 27.56 3.41 -10.07
CA LEU B 74 27.44 2.89 -11.42
C LEU B 74 28.67 2.08 -11.83
N LYS B 75 29.86 2.53 -11.46
CA LYS B 75 31.07 1.78 -11.76
C LYS B 75 31.10 0.44 -11.04
N ALA B 76 30.58 0.41 -9.81
CA ALA B 76 30.54 -0.83 -9.03
C ALA B 76 29.45 -1.78 -9.52
N ASN B 77 28.41 -1.23 -10.15
CA ASN B 77 27.25 -2.00 -10.58
C ASN B 77 26.86 -1.61 -12.00
N PRO B 78 27.70 -1.97 -12.98
CA PRO B 78 27.43 -1.53 -14.35
C PRO B 78 26.15 -2.12 -14.94
N ASN B 79 25.63 -3.19 -14.32
CA ASN B 79 24.33 -3.73 -14.71
C ASN B 79 23.24 -2.64 -14.62
N ILE B 80 23.40 -1.66 -13.73
CA ILE B 80 22.38 -0.61 -13.60
C ILE B 80 22.23 0.23 -14.87
N TYR B 81 23.32 0.44 -15.62
CA TYR B 81 23.25 1.19 -16.87
C TYR B 81 23.26 0.35 -18.14
N THR B 82 23.25 -0.98 -17.99
CA THR B 82 23.25 -1.89 -19.11
C THR B 82 21.80 -2.30 -19.35
N TYR B 83 21.20 -1.74 -20.40
CA TYR B 83 19.76 -1.80 -20.53
C TYR B 83 19.25 -3.24 -20.51
N GLY B 84 18.33 -3.51 -19.59
CA GLY B 84 17.69 -4.82 -19.53
C GLY B 84 18.45 -5.87 -18.74
N ALA B 85 19.66 -5.55 -18.28
CA ALA B 85 20.43 -6.52 -17.50
C ALA B 85 19.79 -6.74 -16.12
N PRO B 86 19.94 -7.95 -15.54
CA PRO B 86 19.40 -8.14 -14.19
C PRO B 86 20.09 -7.25 -13.17
N SER B 87 19.30 -6.50 -12.42
CA SER B 87 19.85 -5.50 -11.50
C SER B 87 18.90 -5.13 -10.36
N LEU B 88 17.71 -5.72 -10.31
CA LEU B 88 16.79 -5.41 -9.23
C LEU B 88 17.42 -5.59 -7.85
N ASP B 89 18.17 -6.68 -7.66
CA ASP B 89 18.66 -6.97 -6.35
C ASP B 89 19.58 -5.87 -5.82
N VAL B 90 20.52 -5.40 -6.64
CA VAL B 90 21.39 -4.36 -6.17
C VAL B 90 20.64 -3.05 -5.97
N ARG B 91 19.65 -2.76 -6.81
CA ARG B 91 18.86 -1.55 -6.63
C ARG B 91 18.09 -1.59 -5.32
N GLN B 92 17.45 -2.70 -5.04
CA GLN B 92 16.69 -2.87 -3.82
C GLN B 92 17.58 -2.80 -2.58
N ASP B 93 18.77 -3.39 -2.66
CA ASP B 93 19.68 -3.34 -1.53
C ASP B 93 20.02 -1.90 -1.16
N ILE B 94 20.10 -1.02 -2.17
CA ILE B 94 20.31 0.40 -1.94
C ILE B 94 19.01 1.07 -1.44
N CYS B 95 17.94 0.94 -2.19
CA CYS B 95 16.75 1.74 -1.91
C CYS B 95 16.02 1.34 -0.64
N ASN B 96 16.03 0.04 -0.30
CA ASN B 96 15.35 -0.39 0.91
C ASN B 96 15.98 0.21 2.18
N ILE B 97 17.25 0.63 2.09
CA ILE B 97 17.93 1.36 3.14
C ILE B 97 17.77 2.89 3.00
N GLU B 98 17.99 3.38 1.79
CA GLU B 98 18.09 4.82 1.61
C GLU B 98 16.72 5.52 1.67
N VAL B 99 15.65 4.82 1.29
CA VAL B 99 14.32 5.43 1.31
C VAL B 99 13.89 5.75 2.75
N PRO B 100 13.94 4.78 3.69
CA PRO B 100 13.59 5.15 5.07
C PRO B 100 14.52 6.17 5.69
N LYS B 101 15.80 6.15 5.34
CA LYS B 101 16.74 7.12 5.87
CA LYS B 101 16.74 7.13 5.89
C LYS B 101 16.41 8.54 5.42
N LEU B 102 16.09 8.72 4.15
CA LEU B 102 15.75 10.03 3.66
C LEU B 102 14.41 10.49 4.27
N GLY B 103 13.46 9.55 4.38
CA GLY B 103 12.21 9.84 5.06
C GLY B 103 12.41 10.27 6.51
N GLN B 104 13.34 9.63 7.21
CA GLN B 104 13.68 10.01 8.58
C GLN B 104 14.11 11.47 8.67
N GLU B 105 14.97 11.89 7.76
CA GLU B 105 15.44 13.28 7.77
C GLU B 105 14.27 14.25 7.62
N ALA B 106 13.39 14.00 6.65
CA ALA B 106 12.22 14.87 6.48
C ALA B 106 11.32 14.82 7.70
N ALA B 107 11.10 13.62 8.24
CA ALA B 107 10.23 13.46 9.41
C ALA B 107 10.72 14.26 10.60
N LEU B 108 12.03 14.22 10.88
CA LEU B 108 12.56 14.96 12.02
C LEU B 108 12.32 16.45 11.86
N LYS B 109 12.43 16.95 10.64
CA LYS B 109 12.15 18.36 10.39
C LYS B 109 10.68 18.70 10.62
N ALA B 110 9.78 17.84 10.15
CA ALA B 110 8.36 18.08 10.39
C ALA B 110 8.04 18.03 11.88
N ILE B 111 8.60 17.04 12.56
CA ILE B 111 8.35 16.90 13.99
C ILE B 111 8.85 18.11 14.77
N LYS B 112 10.02 18.63 14.39
CA LYS B 112 10.54 19.83 15.01
C LYS B 112 9.55 20.98 14.88
N GLU B 113 9.09 21.23 13.66
CA GLU B 113 8.15 22.30 13.43
C GLU B 113 6.91 22.13 14.27
N TRP B 114 6.37 20.91 14.25
CA TRP B 114 5.15 20.60 14.99
C TRP B 114 5.30 20.93 16.48
N GLY B 115 6.43 20.56 17.07
CA GLY B 115 6.77 20.98 18.42
C GLY B 115 6.29 20.07 19.54
N GLN B 116 5.68 18.94 19.19
CA GLN B 116 5.20 17.95 20.14
C GLN B 116 6.12 16.75 20.19
N PRO B 117 6.04 15.97 21.27
CA PRO B 117 6.89 14.79 21.36
C PRO B 117 6.52 13.72 20.31
N ILE B 118 7.51 12.98 19.88
CA ILE B 118 7.32 11.84 18.97
C ILE B 118 6.33 10.85 19.56
N SER B 119 6.29 10.67 20.86
CA SER B 119 5.34 9.77 21.49
C SER B 119 3.88 10.16 21.28
N ARG B 120 3.63 11.37 20.83
CA ARG B 120 2.26 11.80 20.56
C ARG B 120 1.72 11.34 19.20
N ILE B 121 2.61 10.86 18.33
CA ILE B 121 2.20 10.36 17.03
C ILE B 121 1.49 9.02 17.22
N THR B 122 0.28 8.92 16.69
CA THR B 122 -0.55 7.72 16.80
C THR B 122 -0.65 6.90 15.51
N HIS B 123 -0.39 7.54 14.38
CA HIS B 123 -0.58 6.95 13.04
C HIS B 123 0.62 7.31 12.18
N LEU B 124 1.02 6.39 11.33
CA LEU B 124 2.08 6.60 10.35
C LEU B 124 1.61 6.17 8.99
N ILE B 125 1.71 7.04 8.00
CA ILE B 125 1.54 6.67 6.59
C ILE B 125 2.91 6.84 5.95
N PHE B 126 3.44 5.78 5.36
CA PHE B 126 4.69 5.86 4.60
C PHE B 126 4.33 5.54 3.15
N CYS B 127 4.83 6.32 2.20
CA CYS B 127 4.58 6.14 0.78
C CYS B 127 5.88 6.17 -0.01
N THR B 128 6.11 5.17 -0.83
CA THR B 128 7.21 5.16 -1.76
C THR B 128 6.90 4.30 -2.95
N ALA B 129 7.39 4.73 -4.12
CA ALA B 129 7.36 3.95 -5.34
C ALA B 129 8.75 3.47 -5.75
N SER B 130 9.72 3.54 -4.84
CA SER B 130 11.12 3.28 -5.15
C SER B 130 11.68 1.98 -4.63
N CYS B 131 10.90 1.25 -3.84
CA CYS B 131 11.38 0.01 -3.27
C CYS B 131 10.19 -0.74 -2.70
N VAL B 132 10.42 -1.97 -2.27
CA VAL B 132 9.38 -2.76 -1.64
C VAL B 132 10.07 -3.87 -0.83
N ASP B 133 9.59 -4.12 0.40
CA ASP B 133 10.20 -5.12 1.27
C ASP B 133 9.21 -5.46 2.37
N MET B 134 9.41 -6.61 3.00
CA MET B 134 8.63 -7.03 4.17
C MET B 134 9.55 -7.47 5.30
N PRO B 135 9.45 -6.86 6.51
CA PRO B 135 8.70 -5.66 6.86
C PRO B 135 9.06 -4.47 5.97
N GLY B 136 8.19 -3.47 5.95
CA GLY B 136 8.31 -2.37 5.03
C GLY B 136 9.01 -1.15 5.57
N CYS B 137 9.01 -0.12 4.75
CA CYS B 137 9.64 1.16 5.12
C CYS B 137 9.03 1.77 6.36
N ASP B 138 7.73 1.56 6.56
CA ASP B 138 7.06 2.05 7.75
C ASP B 138 7.68 1.46 9.01
N PHE B 139 7.88 0.15 9.01
CA PHE B 139 8.55 -0.54 10.11
C PHE B 139 9.96 0.03 10.32
N GLN B 140 10.71 0.19 9.24
CA GLN B 140 12.06 0.71 9.36
C GLN B 140 12.09 2.12 9.95
N LEU B 141 11.13 2.96 9.55
CA LEU B 141 11.05 4.32 10.07
C LEU B 141 10.68 4.33 11.54
N ILE B 142 9.79 3.42 11.97
CA ILE B 142 9.47 3.30 13.36
C ILE B 142 10.73 3.07 14.20
N LYS B 143 11.60 2.18 13.70
CA LYS B 143 12.83 1.89 14.38
C LYS B 143 13.73 3.12 14.40
N LEU B 144 13.89 3.79 13.27
CA LEU B 144 14.79 4.94 13.16
C LEU B 144 14.36 6.09 14.06
N LEU B 145 13.06 6.39 14.11
CA LEU B 145 12.55 7.51 14.88
C LEU B 145 12.25 7.20 16.33
N GLY B 146 12.11 5.92 16.68
CA GLY B 146 11.61 5.56 17.99
C GLY B 146 10.12 5.88 18.16
N LEU B 147 9.34 5.70 17.09
CA LEU B 147 7.88 5.82 17.21
C LEU B 147 7.35 4.76 18.15
N ASP B 148 6.21 5.03 18.75
CA ASP B 148 5.53 4.02 19.56
C ASP B 148 5.35 2.73 18.74
N PRO B 149 5.71 1.55 19.30
CA PRO B 149 5.52 0.32 18.52
C PRO B 149 4.07 -0.01 18.20
N SER B 150 3.13 0.68 18.83
N SER B 150 3.14 0.69 18.83
CA SER B 150 1.72 0.50 18.52
CA SER B 150 1.72 0.53 18.56
C SER B 150 1.13 1.61 17.64
C SER B 150 1.15 1.65 17.69
N VAL B 151 1.98 2.36 16.95
CA VAL B 151 1.44 3.27 15.95
C VAL B 151 0.64 2.47 14.91
N THR B 152 -0.44 3.08 14.44
CA THR B 152 -1.31 2.48 13.42
C THR B 152 -0.80 2.89 12.05
N ARG B 153 -0.39 1.91 11.25
CA ARG B 153 0.37 2.14 10.04
C ARG B 153 -0.38 1.89 8.76
N THR B 154 -0.05 2.67 7.75
CA THR B 154 -0.50 2.47 6.37
C THR B 154 0.76 2.59 5.50
N MET B 155 1.10 1.55 4.77
CA MET B 155 2.29 1.48 3.94
C MET B 155 1.87 1.42 2.47
N ILE B 156 2.04 2.53 1.76
CA ILE B 156 1.62 2.70 0.38
C ILE B 156 2.84 2.53 -0.55
N TYR B 157 2.92 1.35 -1.15
CA TYR B 157 3.98 0.98 -2.07
C TYR B 157 3.51 1.11 -3.51
N GLU B 158 4.36 1.69 -4.34
CA GLU B 158 4.16 1.70 -5.80
C GLU B 158 2.81 2.24 -6.24
N ALA B 159 2.35 3.33 -5.64
CA ALA B 159 1.19 4.04 -6.17
C ALA B 159 1.57 4.98 -7.34
N GLY B 160 2.66 5.71 -7.18
N GLY B 160 2.63 5.74 -7.16
CA GLY B 160 3.04 6.67 -8.21
CA GLY B 160 3.06 6.69 -8.18
C GLY B 160 2.50 8.06 -7.92
C GLY B 160 2.70 8.14 -7.90
N CSD B 161 2.69 8.95 -8.95
CA CSD B 161 2.79 10.38 -8.80
CB CSD B 161 3.27 11.00 -10.08
SG CSD B 161 5.04 10.92 -10.28
C CSD B 161 1.52 11.02 -8.32
O CSD B 161 1.65 12.23 -7.99
OD1 CSD B 161 5.36 9.50 -10.36
OD2 CSD B 161 5.34 11.64 -11.53
H CSD B 161 2.62 8.71 -9.83
HA CSD B 161 3.47 10.56 -8.13
HB2 CSD B 161 2.86 10.52 -10.82
HB3 CSD B 161 2.99 11.92 -10.11
N CYS B 161 2.49 8.90 -8.95
CA CYS B 161 2.61 10.33 -8.72
C CYS B 161 1.32 11.10 -8.40
N TYR B 162 0.23 10.37 -8.19
N TYR B 162 0.37 10.34 -8.22
CA TYR B 162 -0.94 10.98 -7.56
CA TYR B 162 -0.80 10.97 -7.61
C TYR B 162 -0.86 10.89 -6.04
C TYR B 162 -0.82 10.91 -6.09
N ALA B 163 0.10 10.16 -5.50
CA ALA B 163 -0.01 9.79 -4.11
C ALA B 163 0.26 10.91 -3.12
N GLY B 164 0.88 12.01 -3.54
CA GLY B 164 1.04 13.13 -2.63
C GLY B 164 -0.28 13.73 -2.20
N ALA B 165 -1.29 13.65 -3.07
CA ALA B 165 -2.64 14.02 -2.69
C ALA B 165 -3.32 12.89 -1.91
N THR B 166 -3.17 11.64 -2.39
CA THR B 166 -3.79 10.50 -1.73
C THR B 166 -3.42 10.38 -0.26
N VAL B 167 -2.14 10.58 0.09
CA VAL B 167 -1.77 10.43 1.50
C VAL B 167 -2.43 11.48 2.37
N LEU B 168 -2.71 12.66 1.83
CA LEU B 168 -3.43 13.69 2.58
C LEU B 168 -4.89 13.25 2.81
N ARG B 169 -5.49 12.64 1.79
CA ARG B 169 -6.83 12.10 1.90
C ARG B 169 -6.92 11.01 2.97
N MET B 170 -5.96 10.10 2.96
CA MET B 170 -5.93 9.05 3.96
C MET B 170 -5.72 9.61 5.36
N ALA B 171 -4.77 10.54 5.48
CA ALA B 171 -4.48 11.15 6.77
C ALA B 171 -5.71 11.89 7.32
N LYS B 172 -6.45 12.56 6.43
CA LYS B 172 -7.67 13.23 6.82
C LYS B 172 -8.64 12.26 7.49
N ASP B 173 -8.92 11.13 6.85
CA ASP B 173 -9.84 10.17 7.41
C ASP B 173 -9.35 9.62 8.74
N PHE B 174 -8.07 9.29 8.84
CA PHE B 174 -7.57 8.74 10.07
C PHE B 174 -7.62 9.76 11.19
N ALA B 175 -7.24 11.01 10.89
CA ALA B 175 -7.24 12.07 11.90
C ALA B 175 -8.65 12.44 12.36
N GLU B 176 -9.59 12.47 11.43
CA GLU B 176 -10.95 12.89 11.75
C GLU B 176 -11.75 11.79 12.44
N ASN B 177 -11.43 10.52 12.21
CA ASN B 177 -12.21 9.45 12.79
C ASN B 177 -11.67 8.93 14.09
N ASN B 178 -10.51 9.41 14.54
CA ASN B 178 -9.89 8.92 15.74
C ASN B 178 -9.53 10.14 16.60
N LYS B 179 -10.28 10.35 17.67
CA LYS B 179 -10.13 11.55 18.46
C LYS B 179 -8.72 11.65 19.00
N GLY B 180 -8.11 12.80 18.82
CA GLY B 180 -6.76 13.05 19.29
C GLY B 180 -5.67 12.49 18.39
N ALA B 181 -5.99 11.82 17.30
CA ALA B 181 -4.96 11.18 16.51
C ALA B 181 -4.04 12.24 15.91
N ARG B 182 -2.78 11.87 15.79
CA ARG B 182 -1.78 12.71 15.11
C ARG B 182 -1.06 11.82 14.15
N VAL B 183 -1.17 12.15 12.87
CA VAL B 183 -0.69 11.30 11.79
C VAL B 183 0.61 11.88 11.22
N LEU B 184 1.66 11.07 11.23
CA LEU B 184 2.90 11.40 10.51
C LEU B 184 2.80 10.78 9.15
N VAL B 185 2.95 11.57 8.11
CA VAL B 185 2.90 11.13 6.72
C VAL B 185 4.27 11.35 6.12
N VAL B 186 4.89 10.32 5.58
CA VAL B 186 6.22 10.43 4.99
C VAL B 186 6.17 9.86 3.59
N CYS B 187 6.62 10.62 2.62
CA CYS B 187 6.75 10.21 1.23
C CYS B 187 8.22 10.32 0.86
N ALA B 188 8.84 9.28 0.34
CA ALA B 188 10.27 9.34 0.06
C ALA B 188 10.54 8.60 -1.23
N GLU B 189 11.39 9.18 -2.09
CA GLU B 189 11.74 8.59 -3.38
C GLU B 189 13.23 8.66 -3.60
N ILE B 190 13.77 7.53 -4.06
CA ILE B 190 15.17 7.38 -4.46
C ILE B 190 15.12 6.67 -5.81
N THR B 191 15.45 7.40 -6.88
CA THR B 191 15.18 6.95 -8.24
C THR B 191 16.24 6.02 -8.82
N THR B 192 17.18 5.60 -7.98
CA THR B 192 18.16 4.58 -8.36
C THR B 192 17.46 3.38 -8.99
N VAL B 193 16.29 3.01 -8.48
CA VAL B 193 15.60 1.84 -8.99
C VAL B 193 15.05 2.01 -10.42
N PHE B 194 14.85 3.27 -10.82
CA PHE B 194 14.30 3.64 -12.13
C PHE B 194 15.36 4.03 -13.15
N PHE B 195 16.64 4.09 -12.77
CA PHE B 195 17.69 4.51 -13.70
C PHE B 195 17.90 3.40 -14.73
N HIS B 196 17.82 3.75 -16.01
CA HIS B 196 18.15 2.78 -17.08
C HIS B 196 19.04 3.40 -18.13
N GLY B 197 19.79 2.53 -18.78
CA GLY B 197 20.60 2.91 -19.92
C GLY B 197 19.78 3.20 -21.15
N LEU B 198 20.50 3.47 -22.22
CA LEU B 198 19.94 4.14 -23.37
C LEU B 198 19.87 3.23 -24.58
N THR B 199 18.68 3.12 -25.16
CA THR B 199 18.46 2.33 -26.36
C THR B 199 17.45 3.05 -27.24
N ASP B 200 17.63 2.95 -28.55
CA ASP B 200 16.74 3.62 -29.48
C ASP B 200 15.37 2.94 -29.55
N THR B 201 15.24 1.81 -28.88
CA THR B 201 13.98 1.08 -28.85
C THR B 201 13.10 1.48 -27.63
N HIS B 202 13.62 2.33 -26.74
CA HIS B 202 12.89 2.71 -25.52
C HIS B 202 13.26 4.14 -25.14
N LEU B 203 12.75 5.07 -25.93
CA LEU B 203 13.06 6.47 -25.81
C LEU B 203 12.43 7.14 -24.59
N ASP B 204 11.47 6.47 -23.97
CA ASP B 204 10.81 7.01 -22.77
C ASP B 204 11.85 7.26 -21.68
N ILE B 205 12.89 6.44 -21.66
CA ILE B 205 13.97 6.58 -20.68
C ILE B 205 14.62 7.96 -20.74
N LEU B 206 14.68 8.56 -21.93
CA LEU B 206 15.26 9.89 -22.04
C LEU B 206 14.46 10.92 -21.24
N VAL B 207 13.15 10.73 -21.18
CA VAL B 207 12.29 11.66 -20.44
C VAL B 207 12.51 11.48 -18.93
N GLY B 208 12.50 10.24 -18.45
CA GLY B 208 12.74 10.03 -17.03
C GLY B 208 14.13 10.46 -16.61
N GLN B 209 15.10 10.25 -17.48
CA GLN B 209 16.46 10.66 -17.21
C GLN B 209 16.58 12.17 -17.06
N ALA B 210 15.73 12.91 -17.75
CA ALA B 210 15.73 14.38 -17.68
C ALA B 210 14.99 14.93 -16.49
N LEU B 211 13.94 14.24 -16.04
CA LEU B 211 12.98 14.83 -15.11
C LEU B 211 13.00 14.25 -13.71
N PHE B 212 13.25 12.95 -13.56
CA PHE B 212 12.98 12.29 -12.30
C PHE B 212 14.11 12.63 -11.29
N ALA B 213 13.73 12.74 -10.03
CA ALA B 213 14.65 13.21 -9.01
C ALA B 213 14.27 12.63 -7.64
N ASP B 214 15.16 12.87 -6.68
CA ASP B 214 15.04 12.27 -5.36
C ASP B 214 14.64 13.31 -4.31
N GLY B 215 13.88 12.86 -3.32
CA GLY B 215 13.44 13.75 -2.27
C GLY B 215 12.49 13.03 -1.34
N ALA B 216 12.24 13.64 -0.19
CA ALA B 216 11.28 13.16 0.77
C ALA B 216 10.56 14.32 1.41
N SER B 217 9.30 14.09 1.75
CA SER B 217 8.52 15.02 2.53
C SER B 217 7.95 14.33 3.74
N ALA B 218 7.61 15.14 4.72
CA ALA B 218 6.90 14.67 5.88
C ALA B 218 5.91 15.73 6.28
N VAL B 219 4.71 15.28 6.64
CA VAL B 219 3.65 16.16 7.05
C VAL B 219 3.04 15.60 8.33
N ILE B 220 2.68 16.47 9.27
CA ILE B 220 1.90 16.04 10.43
C ILE B 220 0.48 16.52 10.26
N VAL B 221 -0.49 15.64 10.45
CA VAL B 221 -1.91 15.93 10.28
C VAL B 221 -2.66 15.62 11.56
N GLY B 222 -3.52 16.55 11.96
CA GLY B 222 -4.40 16.31 13.10
C GLY B 222 -5.62 17.19 13.03
N ALA B 223 -6.73 16.68 13.56
CA ALA B 223 -7.95 17.47 13.70
C ALA B 223 -7.97 18.08 15.10
N ASN B 224 -8.67 19.18 15.24
CA ASN B 224 -8.78 19.84 16.57
C ASN B 224 -7.42 20.24 17.14
N PRO B 225 -6.69 21.06 16.41
CA PRO B 225 -5.38 21.50 16.93
C PRO B 225 -5.49 22.21 18.25
N GLU B 226 -4.49 22.01 19.10
CA GLU B 226 -4.52 22.63 20.42
C GLU B 226 -4.27 24.13 20.27
N PRO B 227 -5.23 24.98 20.75
CA PRO B 227 -5.05 26.42 20.59
C PRO B 227 -3.79 26.95 21.21
N GLU B 228 -3.07 27.78 20.46
CA GLU B 228 -1.88 28.46 20.94
C GLU B 228 -0.73 27.48 21.21
N ILE B 229 -0.88 26.23 20.76
CA ILE B 229 0.16 25.22 20.95
C ILE B 229 0.60 24.67 19.57
N GLU B 230 -0.31 24.01 18.88
CA GLU B 230 -0.08 23.58 17.51
C GLU B 230 -0.43 24.78 16.60
N ARG B 231 0.18 24.81 15.44
CA ARG B 231 0.05 25.94 14.50
C ARG B 231 -0.33 25.38 13.13
N PRO B 232 -1.63 25.35 12.82
CA PRO B 232 -2.04 24.80 11.52
C PRO B 232 -1.54 25.65 10.35
N LEU B 233 -1.25 24.99 9.27
CA LEU B 233 -0.81 25.59 8.03
C LEU B 233 -1.89 25.55 6.95
N PHE B 234 -2.58 24.41 6.84
CA PHE B 234 -3.64 24.21 5.85
C PHE B 234 -4.68 23.30 6.47
N GLU B 235 -5.89 23.40 5.96
CA GLU B 235 -6.99 22.54 6.32
C GLU B 235 -7.31 21.65 5.13
N ILE B 236 -7.47 20.35 5.36
CA ILE B 236 -7.80 19.39 4.29
C ILE B 236 -9.32 19.20 4.30
N VAL B 237 -9.99 19.84 3.35
CA VAL B 237 -11.44 19.94 3.38
C VAL B 237 -12.15 18.77 2.71
N ALA B 238 -11.75 18.41 1.50
CA ALA B 238 -12.47 17.38 0.73
C ALA B 238 -11.51 16.86 -0.32
N CYS B 239 -11.70 15.63 -0.76
CA CYS B 239 -10.79 14.99 -1.71
C CYS B 239 -11.57 14.21 -2.72
N ARG B 240 -10.98 13.97 -3.90
CA ARG B 240 -11.61 13.15 -4.93
C ARG B 240 -10.52 12.46 -5.73
N GLN B 241 -10.72 11.21 -6.08
CA GLN B 241 -9.81 10.45 -6.93
C GLN B 241 -10.58 10.00 -8.15
N THR B 242 -9.97 10.07 -9.33
CA THR B 242 -10.64 9.65 -10.54
C THR B 242 -9.66 9.12 -11.57
N ILE B 243 -10.15 8.28 -12.43
CA ILE B 243 -9.42 7.74 -13.57
C ILE B 243 -9.83 8.52 -14.82
N LEU B 244 -8.85 9.05 -15.55
CA LEU B 244 -9.13 9.79 -16.77
C LEU B 244 -9.42 8.77 -17.85
N PRO B 245 -10.53 8.95 -18.59
CA PRO B 245 -10.88 7.92 -19.55
C PRO B 245 -9.84 7.68 -20.65
N ASN B 246 -9.74 6.42 -21.03
CA ASN B 246 -8.99 6.00 -22.21
C ASN B 246 -7.50 6.39 -22.17
N SER B 247 -6.91 6.30 -20.99
CA SER B 247 -5.54 6.75 -20.79
C SER B 247 -4.68 5.74 -20.05
N GLU B 248 -5.01 4.45 -20.15
CA GLU B 248 -4.32 3.44 -19.38
C GLU B 248 -2.84 3.33 -19.72
N HIS B 249 -2.50 3.68 -20.96
CA HIS B 249 -1.13 3.67 -21.46
C HIS B 249 -0.34 4.91 -21.05
N GLY B 250 -0.95 5.85 -20.31
CA GLY B 250 -0.28 7.12 -20.05
C GLY B 250 1.03 7.00 -19.30
N VAL B 251 0.96 6.32 -18.15
CA VAL B 251 2.12 6.10 -17.31
C VAL B 251 2.04 4.67 -16.80
N VAL B 252 3.05 3.88 -17.16
CA VAL B 252 3.12 2.47 -16.77
C VAL B 252 4.48 2.22 -16.17
N ALA B 253 4.53 1.46 -15.08
CA ALA B 253 5.80 1.07 -14.51
C ALA B 253 5.69 -0.33 -13.95
N ASN B 254 6.66 -1.15 -14.31
CA ASN B 254 6.66 -2.57 -14.02
C ASN B 254 7.87 -2.93 -13.19
N ILE B 255 7.67 -3.81 -12.21
CA ILE B 255 8.71 -4.20 -11.28
C ILE B 255 9.30 -5.50 -11.82
N ARG B 256 10.53 -5.42 -12.33
CA ARG B 256 11.13 -6.46 -13.16
C ARG B 256 12.54 -6.80 -12.71
N GLU B 257 13.09 -7.87 -13.27
CA GLU B 257 14.47 -8.25 -12.98
C GLU B 257 15.47 -7.15 -13.31
N MET B 258 15.14 -6.30 -14.30
CA MET B 258 16.01 -5.18 -14.71
C MET B 258 15.85 -3.92 -13.87
N GLY B 259 15.03 -3.99 -12.82
CA GLY B 259 14.66 -2.80 -12.07
C GLY B 259 13.22 -2.38 -12.33
N PHE B 260 12.90 -1.15 -11.98
CA PHE B 260 11.53 -0.65 -12.19
C PHE B 260 11.55 0.04 -13.55
N ASN B 261 10.95 -0.60 -14.53
CA ASN B 261 10.91 -0.14 -15.90
C ASN B 261 9.68 0.71 -16.10
N TYR B 262 9.70 1.64 -17.04
CA TYR B 262 8.59 2.56 -17.18
C TYR B 262 8.41 3.01 -18.61
N TYR B 263 7.15 3.39 -18.90
CA TYR B 263 6.74 3.91 -20.19
C TYR B 263 5.88 5.12 -19.93
N LEU B 264 6.06 6.15 -20.76
CA LEU B 264 5.38 7.42 -20.62
C LEU B 264 4.83 7.84 -21.97
N SER B 265 3.53 8.03 -22.07
CA SER B 265 2.95 8.50 -23.32
C SER B 265 3.14 9.99 -23.50
N GLY B 266 3.47 10.41 -24.72
CA GLY B 266 3.52 11.81 -25.03
C GLY B 266 2.19 12.53 -24.92
N ASP B 267 1.11 11.77 -24.83
CA ASP B 267 -0.22 12.37 -24.67
C ASP B 267 -0.64 12.68 -23.26
N VAL B 268 0.19 12.37 -22.27
CA VAL B 268 -0.21 12.64 -20.89
C VAL B 268 -0.63 14.11 -20.68
N PRO B 269 0.15 15.09 -21.15
CA PRO B 269 -0.27 16.47 -20.92
C PRO B 269 -1.65 16.77 -21.50
N LYS B 270 -1.92 16.31 -22.72
CA LYS B 270 -3.22 16.56 -23.33
C LYS B 270 -4.35 15.90 -22.56
N PHE B 271 -4.11 14.71 -22.01
CA PHE B 271 -5.11 14.06 -21.18
C PHE B 271 -5.41 14.89 -19.94
N VAL B 272 -4.37 15.41 -19.29
CA VAL B 272 -4.58 16.23 -18.13
C VAL B 272 -5.36 17.48 -18.51
N GLY B 273 -4.95 18.17 -19.57
CA GLY B 273 -5.63 19.37 -20.00
C GLY B 273 -7.08 19.08 -20.37
N GLY B 274 -7.33 17.92 -20.99
CA GLY B 274 -8.67 17.57 -21.42
C GLY B 274 -9.62 17.22 -20.30
N ASN B 275 -9.10 16.98 -19.10
CA ASN B 275 -9.90 16.59 -17.96
C ASN B 275 -9.89 17.56 -16.79
N VAL B 276 -9.01 18.56 -16.80
CA VAL B 276 -8.81 19.38 -15.61
C VAL B 276 -10.05 20.20 -15.24
N VAL B 277 -10.76 20.78 -16.21
CA VAL B 277 -11.98 21.49 -15.83
C VAL B 277 -12.95 20.54 -15.13
N ASP B 278 -13.12 19.34 -15.67
CA ASP B 278 -14.05 18.40 -15.10
C ASP B 278 -13.62 17.97 -13.70
N PHE B 279 -12.37 17.56 -13.54
CA PHE B 279 -11.99 17.06 -12.23
C PHE B 279 -11.96 18.17 -11.18
N MET B 280 -11.63 19.40 -11.59
CA MET B 280 -11.70 20.52 -10.66
C MET B 280 -13.14 20.82 -10.28
N THR B 281 -14.02 20.82 -11.27
CA THR B 281 -15.42 21.11 -11.00
C THR B 281 -16.03 20.09 -10.04
N LYS B 282 -15.81 18.82 -10.33
CA LYS B 282 -16.39 17.76 -9.53
C LYS B 282 -15.79 17.73 -8.12
N THR B 283 -14.54 18.11 -7.98
CA THR B 283 -13.93 18.20 -6.66
C THR B 283 -14.58 19.31 -5.83
N PHE B 284 -14.72 20.50 -6.41
CA PHE B 284 -15.28 21.61 -5.67
C PHE B 284 -16.77 21.48 -5.43
N GLU B 285 -17.46 20.66 -6.21
CA GLU B 285 -18.86 20.32 -5.92
C GLU B 285 -19.01 19.62 -4.59
N LYS B 286 -17.96 19.01 -4.07
CA LYS B 286 -18.02 18.40 -2.74
C LYS B 286 -17.98 19.43 -1.62
N VAL B 287 -17.65 20.68 -1.94
CA VAL B 287 -17.51 21.71 -0.91
C VAL B 287 -18.55 22.81 -1.01
N ASP B 288 -19.00 23.14 -2.22
CA ASP B 288 -19.76 24.37 -2.44
C ASP B 288 -20.62 24.16 -3.68
N GLY B 289 -21.85 24.63 -3.61
CA GLY B 289 -22.75 24.51 -4.75
C GLY B 289 -22.53 25.59 -5.79
N LYS B 290 -21.78 26.63 -5.44
CA LYS B 290 -21.50 27.71 -6.39
C LYS B 290 -20.33 27.38 -7.27
N LYS B 291 -20.37 27.89 -8.48
CA LYS B 291 -19.27 27.79 -9.44
C LYS B 291 -18.05 28.50 -8.89
N LYS B 292 -16.89 27.88 -9.10
CA LYS B 292 -15.63 28.45 -8.66
C LYS B 292 -14.95 29.28 -9.74
N ASP B 293 -14.34 30.37 -9.32
CA ASP B 293 -13.39 31.11 -10.14
C ASP B 293 -12.02 30.50 -9.90
N TRP B 294 -11.44 29.85 -10.91
CA TRP B 294 -10.19 29.14 -10.68
C TRP B 294 -9.03 30.07 -10.26
N ASN B 295 -9.07 31.32 -10.68
CA ASN B 295 -8.04 32.29 -10.27
C ASN B 295 -8.13 32.71 -8.80
N SER B 296 -9.24 32.38 -8.14
CA SER B 296 -9.35 32.69 -6.72
C SER B 296 -8.64 31.67 -5.84
N LEU B 297 -8.12 30.60 -6.44
CA LEU B 297 -7.49 29.51 -5.69
C LEU B 297 -5.99 29.63 -5.66
N PHE B 298 -5.38 29.02 -4.65
CA PHE B 298 -3.95 28.68 -4.69
C PHE B 298 -3.80 27.21 -5.12
N PHE B 299 -2.65 26.89 -5.70
CA PHE B 299 -2.44 25.60 -6.33
C PHE B 299 -1.13 24.94 -5.95
N SER B 300 -1.19 23.64 -5.67
CA SER B 300 -0.01 22.80 -5.67
C SER B 300 -0.26 21.70 -6.71
N VAL B 301 0.38 21.79 -7.87
CA VAL B 301 0.16 20.88 -8.97
C VAL B 301 1.37 19.97 -9.09
N HIS B 302 1.16 18.66 -9.12
CA HIS B 302 2.26 17.76 -9.32
C HIS B 302 2.90 18.01 -10.68
N PRO B 303 4.19 18.40 -10.70
CA PRO B 303 4.80 18.81 -11.98
C PRO B 303 5.43 17.60 -12.67
N GLY B 304 4.58 16.72 -13.16
CA GLY B 304 5.05 15.48 -13.74
C GLY B 304 6.02 15.75 -14.86
N GLY B 305 5.73 16.82 -15.61
CA GLY B 305 6.65 17.43 -16.55
C GLY B 305 6.16 18.84 -16.75
N PRO B 306 6.94 19.64 -17.48
CA PRO B 306 6.58 21.04 -17.67
C PRO B 306 5.26 21.22 -18.43
N ALA B 307 4.95 20.32 -19.35
CA ALA B 307 3.77 20.50 -20.16
C ALA B 307 2.51 20.25 -19.33
N ILE B 308 2.57 19.38 -18.32
CA ILE B 308 1.43 19.20 -17.42
C ILE B 308 1.07 20.50 -16.73
N VAL B 309 2.07 21.19 -16.23
CA VAL B 309 1.86 22.47 -15.55
C VAL B 309 1.21 23.46 -16.52
N ASP B 310 1.73 23.53 -17.74
CA ASP B 310 1.20 24.45 -18.74
C ASP B 310 -0.26 24.12 -19.09
N GLN B 311 -0.61 22.84 -19.12
CA GLN B 311 -1.97 22.43 -19.46
C GLN B 311 -2.98 22.84 -18.39
N VAL B 312 -2.59 22.71 -17.12
CA VAL B 312 -3.44 23.16 -16.05
C VAL B 312 -3.66 24.66 -16.13
N GLU B 313 -2.57 25.40 -16.32
CA GLU B 313 -2.66 26.83 -16.47
C GLU B 313 -3.57 27.23 -17.62
N GLU B 314 -3.40 26.59 -18.77
CA GLU B 314 -4.16 26.98 -19.94
C GLU B 314 -5.64 26.67 -19.77
N LYS B 315 -5.98 25.45 -19.40
CA LYS B 315 -7.39 25.06 -19.43
C LYS B 315 -8.21 25.67 -18.29
N LEU B 316 -7.56 26.03 -17.20
CA LEU B 316 -8.22 26.73 -16.11
C LEU B 316 -8.17 28.24 -16.26
N GLY B 317 -7.52 28.73 -17.32
CA GLY B 317 -7.44 30.18 -17.53
C GLY B 317 -6.67 30.91 -16.45
N LEU B 318 -5.65 30.26 -15.90
CA LEU B 318 -4.92 30.87 -14.79
C LEU B 318 -4.06 32.04 -15.24
N LYS B 319 -4.04 33.08 -14.42
CA LYS B 319 -3.24 34.25 -14.68
C LYS B 319 -1.76 33.97 -14.55
N GLU B 320 -1.00 34.85 -15.15
CA GLU B 320 0.45 34.84 -15.04
C GLU B 320 0.86 34.80 -13.58
N GLY B 321 1.74 33.85 -13.28
CA GLY B 321 2.31 33.74 -11.95
C GLY B 321 1.51 32.90 -10.99
N LYS B 322 0.31 32.46 -11.37
CA LYS B 322 -0.50 31.68 -10.46
C LYS B 322 0.23 30.39 -10.02
N LEU B 323 0.93 29.75 -10.95
CA LEU B 323 1.65 28.49 -10.67
C LEU B 323 3.12 28.68 -10.35
N ARG B 324 3.49 29.86 -9.86
CA ARG B 324 4.88 30.15 -9.53
C ARG B 324 5.49 29.11 -8.56
N ALA B 325 4.80 28.77 -7.47
CA ALA B 325 5.38 27.84 -6.49
C ALA B 325 5.66 26.48 -7.11
N THR B 326 4.71 26.00 -7.90
CA THR B 326 4.84 24.74 -8.62
C THR B 326 6.07 24.79 -9.52
N ARG B 327 6.17 25.85 -10.32
CA ARG B 327 7.28 25.95 -11.26
C ARG B 327 8.62 26.08 -10.56
N HIS B 328 8.62 26.75 -9.40
CA HIS B 328 9.84 26.93 -8.65
C HIS B 328 10.39 25.58 -8.19
N VAL B 329 9.50 24.74 -7.64
CA VAL B 329 9.94 23.44 -7.19
C VAL B 329 10.39 22.58 -8.37
N LEU B 330 9.66 22.58 -9.46
CA LEU B 330 10.12 21.83 -10.62
C LEU B 330 11.53 22.29 -11.03
N SER B 331 11.75 23.59 -11.04
CA SER B 331 13.04 24.12 -11.44
C SER B 331 14.17 23.69 -10.50
N GLU B 332 13.93 23.79 -9.19
CA GLU B 332 15.00 23.61 -8.21
C GLU B 332 15.19 22.17 -7.74
N TYR B 333 14.20 21.30 -8.01
CA TYR B 333 14.22 19.94 -7.50
C TYR B 333 13.87 18.86 -8.52
N GLY B 334 13.23 19.22 -9.63
CA GLY B 334 12.70 18.23 -10.54
C GLY B 334 11.43 17.53 -10.02
N ASN B 335 11.08 16.45 -10.69
CA ASN B 335 9.91 15.65 -10.34
C ASN B 335 10.35 14.54 -9.40
N MET B 336 10.07 14.74 -8.12
CA MET B 336 10.45 13.81 -7.08
C MET B 336 9.33 12.82 -6.75
N GLY B 337 8.31 12.74 -7.59
CA GLY B 337 7.20 11.85 -7.31
C GLY B 337 6.28 12.42 -6.24
N ALA B 338 5.63 11.52 -5.49
CA ALA B 338 4.64 11.92 -4.49
C ALA B 338 5.03 13.08 -3.57
N PRO B 339 6.29 13.20 -3.09
CA PRO B 339 6.61 14.32 -2.20
C PRO B 339 6.48 15.69 -2.83
N THR B 340 6.50 15.77 -4.15
CA THR B 340 6.68 17.05 -4.81
C THR B 340 5.60 18.08 -4.43
N VAL B 341 4.34 17.67 -4.40
CA VAL B 341 3.29 18.60 -4.04
C VAL B 341 3.44 19.13 -2.60
N HIS B 342 4.09 18.37 -1.72
CA HIS B 342 4.35 18.85 -0.37
C HIS B 342 5.49 19.86 -0.34
N PHE B 343 6.51 19.65 -1.17
CA PHE B 343 7.54 20.67 -1.35
C PHE B 343 6.88 21.95 -1.84
N ILE B 344 5.92 21.85 -2.76
CA ILE B 344 5.24 23.04 -3.28
C ILE B 344 4.45 23.77 -2.20
N LEU B 345 3.71 23.03 -1.38
CA LEU B 345 3.02 23.67 -0.25
C LEU B 345 3.99 24.36 0.69
N ASP B 346 5.12 23.74 0.96
CA ASP B 346 6.10 24.34 1.84
C ASP B 346 6.69 25.62 1.23
N GLU B 347 7.00 25.58 -0.07
CA GLU B 347 7.48 26.73 -0.81
C GLU B 347 6.45 27.86 -0.79
N MET B 348 5.19 27.53 -0.98
CA MET B 348 4.11 28.51 -0.96
C MET B 348 4.01 29.18 0.41
N ARG B 349 4.04 28.39 1.46
CA ARG B 349 4.02 28.93 2.81
C ARG B 349 5.22 29.84 3.05
N ASN B 350 6.38 29.42 2.61
CA ASN B 350 7.58 30.21 2.83
C ASN B 350 7.56 31.51 2.08
N LYS B 351 7.16 31.48 0.82
CA LYS B 351 7.06 32.67 0.01
C LYS B 351 6.00 33.60 0.56
N SER B 352 4.93 33.04 1.09
CA SER B 352 3.88 33.85 1.66
C SER B 352 4.40 34.61 2.88
N ILE B 353 5.22 33.97 3.69
CA ILE B 353 5.90 34.67 4.80
C ILE B 353 6.79 35.77 4.25
N GLU B 354 7.59 35.46 3.25
CA GLU B 354 8.53 36.44 2.66
C GLU B 354 7.78 37.68 2.17
N GLU B 355 6.64 37.49 1.53
CA GLU B 355 5.90 38.57 0.90
C GLU B 355 4.95 39.29 1.87
N GLY B 356 4.85 38.81 3.10
CA GLY B 356 3.93 39.40 4.07
C GLY B 356 2.46 39.18 3.70
N LYS B 357 2.16 38.05 3.06
CA LYS B 357 0.77 37.72 2.78
C LYS B 357 0.03 37.39 4.07
N THR B 358 -1.29 37.44 4.00
CA THR B 358 -2.10 37.22 5.19
C THR B 358 -2.32 35.74 5.50
N THR B 359 -2.11 34.87 4.52
CA THR B 359 -2.36 33.43 4.68
C THR B 359 -1.22 32.65 4.05
N THR B 360 -1.15 31.39 4.44
CA THR B 360 -0.17 30.45 3.91
C THR B 360 -0.39 30.12 2.44
N GLY B 361 -1.57 30.43 1.93
CA GLY B 361 -1.94 30.17 0.55
C GLY B 361 -1.89 31.41 -0.32
N GLU B 362 -0.79 32.16 -0.24
CA GLU B 362 -0.59 33.32 -1.12
C GLU B 362 -1.62 34.40 -0.83
N GLY B 363 -2.11 34.47 0.41
CA GLY B 363 -3.14 35.43 0.78
C GLY B 363 -4.56 35.04 0.45
N LEU B 364 -4.75 33.89 -0.18
CA LEU B 364 -6.07 33.41 -0.57
C LEU B 364 -6.60 32.41 0.45
N GLU B 365 -7.90 32.13 0.37
CA GLU B 365 -8.57 31.24 1.32
CA GLU B 365 -8.57 31.24 1.32
C GLU B 365 -8.57 29.78 0.89
N TRP B 366 -8.96 29.54 -0.36
CA TRP B 366 -9.17 28.19 -0.88
C TRP B 366 -8.08 27.80 -1.86
N GLY B 367 -7.76 26.50 -1.90
CA GLY B 367 -6.76 26.01 -2.82
C GLY B 367 -6.94 24.54 -3.08
N VAL B 368 -6.02 24.00 -3.88
CA VAL B 368 -6.09 22.62 -4.28
C VAL B 368 -4.70 22.02 -4.46
N VAL B 369 -4.60 20.74 -4.13
CA VAL B 369 -3.46 19.89 -4.46
C VAL B 369 -3.91 18.94 -5.55
N ILE B 370 -3.16 18.86 -6.64
CA ILE B 370 -3.49 17.99 -7.78
C ILE B 370 -2.36 16.98 -7.95
N GLY B 371 -2.62 15.71 -7.63
CA GLY B 371 -1.70 14.64 -7.92
C GLY B 371 -2.10 13.89 -9.18
N ILE B 372 -1.13 13.49 -10.00
CA ILE B 372 -1.39 12.88 -11.29
C ILE B 372 -0.44 11.70 -11.47
N GLY B 373 -0.96 10.51 -11.76
CA GLY B 373 -0.10 9.32 -11.92
C GLY B 373 -0.78 8.22 -12.71
N PRO B 374 -0.31 6.98 -12.57
CA PRO B 374 -0.79 5.89 -13.42
C PRO B 374 -2.30 5.69 -13.39
N GLY B 375 -2.87 5.40 -14.56
CA GLY B 375 -4.28 5.13 -14.70
C GLY B 375 -4.86 5.64 -16.03
N LEU B 376 -4.67 6.90 -16.39
CA LEU B 376 -4.16 7.97 -15.53
C LEU B 376 -5.13 8.21 -14.39
N THR B 377 -4.59 8.40 -13.22
CA THR B 377 -5.34 8.70 -12.01
C THR B 377 -4.99 10.11 -11.55
N VAL B 378 -6.01 10.88 -11.22
CA VAL B 378 -5.84 12.18 -10.61
C VAL B 378 -6.50 12.18 -9.24
N GLU B 379 -5.76 12.59 -8.23
CA GLU B 379 -6.36 12.82 -6.91
C GLU B 379 -6.19 14.26 -6.56
N THR B 380 -7.31 14.88 -6.17
CA THR B 380 -7.34 16.25 -5.75
C THR B 380 -7.66 16.34 -4.26
N ALA B 381 -7.06 17.31 -3.59
CA ALA B 381 -7.39 17.64 -2.22
C ALA B 381 -7.68 19.13 -2.17
N VAL B 382 -8.89 19.49 -1.77
CA VAL B 382 -9.24 20.87 -1.54
C VAL B 382 -8.73 21.30 -0.18
N LEU B 383 -8.00 22.40 -0.14
CA LEU B 383 -7.44 22.97 1.06
C LEU B 383 -8.05 24.33 1.36
N ARG B 384 -8.02 24.68 2.63
CA ARG B 384 -8.05 26.06 3.03
C ARG B 384 -6.70 26.43 3.60
N SER B 385 -6.33 27.68 3.42
CA SER B 385 -5.13 28.22 4.04
C SER B 385 -5.39 28.54 5.51
N GLU B 386 -4.35 28.97 6.18
CA GLU B 386 -4.45 29.44 7.55
C GLU B 386 -3.73 30.78 7.65
N SER B 387 -4.09 31.56 8.65
CA SER B 387 -3.44 32.85 8.88
CA SER B 387 -3.45 32.84 8.87
CA SER B 387 -3.44 32.85 8.88
C SER B 387 -1.97 32.66 9.23
N ILE B 388 -1.12 33.54 8.72
CA ILE B 388 0.29 33.51 9.11
C ILE B 388 0.51 33.94 10.57
N ARG B 389 -0.22 34.96 11.00
CA ARG B 389 -0.12 35.44 12.38
C ARG B 389 -0.93 34.58 13.35
C1 BU4 C . 2.59 -24.17 -2.78
O1 BU4 C . 2.84 -24.11 -4.15
C2 BU4 C . 3.04 -22.97 -2.04
C3 BU4 C . 4.28 -22.23 -2.49
O3 BU4 C . 5.41 -23.03 -2.33
C4 BU4 C . 4.50 -20.99 -1.70
H1 BU4 C . 3.05 -24.96 -2.41
H1A BU4 C . 1.62 -24.29 -2.64
HO1 BU4 C . 3.62 -24.49 -4.33
H2 BU4 C . 2.29 -22.33 -2.05
H2A BU4 C . 3.18 -23.24 -1.11
H3 BU4 C . 4.19 -22.00 -3.43
HO3 BU4 C . 5.64 -23.06 -1.47
H4 BU4 C . 3.76 -20.37 -1.85
H4A BU4 C . 5.35 -20.57 -1.97
H4B BU4 C . 4.55 -21.21 -0.75
C1 BU4 D . 18.16 10.46 -12.80
O1 BU4 D . 19.15 9.53 -12.43
C2 BU4 D . 16.81 9.88 -13.02
C3 BU4 D . 16.68 8.38 -13.29
O3 BU4 D . 17.09 8.07 -14.57
C4 BU4 D . 15.30 7.84 -13.14
H1 BU4 D . 18.45 10.90 -13.62
H1A BU4 D . 18.09 11.14 -12.10
HO1 BU4 D . 19.61 9.86 -11.74
H2 BU4 D . 16.41 10.35 -13.78
H2A BU4 D . 16.28 10.08 -12.23
H3 BU4 D . 17.26 7.91 -12.66
HO3 BU4 D . 16.47 8.34 -15.15
H4 BU4 D . 15.00 7.96 -12.21
H4A BU4 D . 15.28 6.89 -13.38
H4B BU4 D . 14.69 8.33 -13.74
#